data_166D
# 
_entry.id   166D 
# 
_audit_conform.dict_name       mmcif_pdbx.dic 
_audit_conform.dict_version    5.385 
_audit_conform.dict_location   http://mmcif.pdb.org/dictionaries/ascii/mmcif_pdbx.dic 
# 
loop_
_database_2.database_id 
_database_2.database_code 
_database_2.pdbx_database_accession 
_database_2.pdbx_DOI 
PDB   166D         pdb_0000166d 10.2210/pdb166d/pdb 
RCSB  GDL027       ?            ?                   
WWPDB D_1000170148 ?            ?                   
# 
loop_
_pdbx_audit_revision_history.ordinal 
_pdbx_audit_revision_history.data_content_type 
_pdbx_audit_revision_history.major_revision 
_pdbx_audit_revision_history.minor_revision 
_pdbx_audit_revision_history.revision_date 
1 'Structure model' 1 0 1994-10-15 
2 'Structure model' 1 1 2008-05-22 
3 'Structure model' 1 2 2011-07-13 
4 'Structure model' 1 3 2024-02-07 
# 
_pdbx_audit_revision_details.ordinal             1 
_pdbx_audit_revision_details.revision_ordinal    1 
_pdbx_audit_revision_details.data_content_type   'Structure model' 
_pdbx_audit_revision_details.provider            repository 
_pdbx_audit_revision_details.type                'Initial release' 
_pdbx_audit_revision_details.description         ? 
_pdbx_audit_revision_details.details             ? 
# 
loop_
_pdbx_audit_revision_group.ordinal 
_pdbx_audit_revision_group.revision_ordinal 
_pdbx_audit_revision_group.data_content_type 
_pdbx_audit_revision_group.group 
1 2 'Structure model' 'Version format compliance' 
2 3 'Structure model' 'Version format compliance' 
3 4 'Structure model' 'Data collection'           
4 4 'Structure model' 'Database references'       
5 4 'Structure model' 'Derived calculations'      
# 
loop_
_pdbx_audit_revision_category.ordinal 
_pdbx_audit_revision_category.revision_ordinal 
_pdbx_audit_revision_category.data_content_type 
_pdbx_audit_revision_category.category 
1 4 'Structure model' chem_comp_atom 
2 4 'Structure model' chem_comp_bond 
3 4 'Structure model' database_2     
4 4 'Structure model' struct_site    
# 
loop_
_pdbx_audit_revision_item.ordinal 
_pdbx_audit_revision_item.revision_ordinal 
_pdbx_audit_revision_item.data_content_type 
_pdbx_audit_revision_item.item 
1 4 'Structure model' '_database_2.pdbx_DOI'                
2 4 'Structure model' '_database_2.pdbx_database_accession' 
3 4 'Structure model' '_struct_site.pdbx_auth_asym_id'      
4 4 'Structure model' '_struct_site.pdbx_auth_comp_id'      
5 4 'Structure model' '_struct_site.pdbx_auth_seq_id'       
# 
_pdbx_database_status.status_code                     REL 
_pdbx_database_status.entry_id                        166D 
_pdbx_database_status.recvd_initial_deposition_date   1994-03-17 
_pdbx_database_status.deposit_site                    BNL 
_pdbx_database_status.process_site                    NDB 
_pdbx_database_status.status_code_sf                  REL 
_pdbx_database_status.status_code_mr                  ? 
_pdbx_database_status.SG_entry                        ? 
_pdbx_database_status.pdb_format_compatible           Y 
_pdbx_database_status.status_code_cs                  ? 
_pdbx_database_status.status_code_nmr_data            ? 
_pdbx_database_status.methods_development_category    ? 
# 
loop_
_audit_author.name 
_audit_author.pdbx_ordinal 
'Nunn, C.M.'    1 
'Jenkins, T.C.' 2 
'Neidle, S.'    3 
# 
_citation.id                        primary 
_citation.title                     
;Crystal structure of gamma-oxapentamidine complexed with d(CGCGAATTCGCG)2. The effects of drug structural change on DNA minor-groove recognition.
;
_citation.journal_abbrev            Eur.J.Biochem. 
_citation.journal_volume            226 
_citation.page_first                953 
_citation.page_last                 961 
_citation.year                      1994 
_citation.journal_id_ASTM           EJBCAI 
_citation.country                   IX 
_citation.journal_id_ISSN           0014-2956 
_citation.journal_id_CSD            0262 
_citation.book_publisher            ? 
_citation.pdbx_database_id_PubMed   7813486 
_citation.pdbx_database_id_DOI      10.1111/j.1432-1033.1994.00953.x 
# 
loop_
_citation_author.citation_id 
_citation_author.name 
_citation_author.ordinal 
_citation_author.identifier_ORCID 
primary 'Nunn, C.M.'    1 ? 
primary 'Jenkins, T.C.' 2 ? 
primary 'Neidle, S.'    3 ? 
# 
loop_
_entity.id 
_entity.type 
_entity.src_method 
_entity.pdbx_description 
_entity.formula_weight 
_entity.pdbx_number_of_molecules 
_entity.pdbx_ec 
_entity.pdbx_mutation 
_entity.pdbx_fragment 
_entity.details 
1 polymer     syn 
;DNA (5'-D(*CP*GP*CP*GP*AP*AP*TP*TP*CP*GP*CP*G)-3')
;
3663.392 2  ? ? ? ? 
2 non-polymer syn '1,5-DI(4-AMIDINOPHENOXY)-3-OXA-PENTANE'             342.392  1  ? ? ? ? 
3 water       nat water                                                18.015   73 ? ? ? ? 
# 
_entity_poly.entity_id                      1 
_entity_poly.type                           polydeoxyribonucleotide 
_entity_poly.nstd_linkage                   no 
_entity_poly.nstd_monomer                   no 
_entity_poly.pdbx_seq_one_letter_code       '(DC)(DG)(DC)(DG)(DA)(DA)(DT)(DT)(DC)(DG)(DC)(DG)' 
_entity_poly.pdbx_seq_one_letter_code_can   CGCGAATTCGCG 
_entity_poly.pdbx_strand_id                 A,B 
_entity_poly.pdbx_target_identifier         ? 
# 
loop_
_pdbx_entity_nonpoly.entity_id 
_pdbx_entity_nonpoly.name 
_pdbx_entity_nonpoly.comp_id 
2 '1,5-DI(4-AMIDINOPHENOXY)-3-OXA-PENTANE' PET 
3 water                                    HOH 
# 
loop_
_entity_poly_seq.entity_id 
_entity_poly_seq.num 
_entity_poly_seq.mon_id 
_entity_poly_seq.hetero 
1 1  DC n 
1 2  DG n 
1 3  DC n 
1 4  DG n 
1 5  DA n 
1 6  DA n 
1 7  DT n 
1 8  DT n 
1 9  DC n 
1 10 DG n 
1 11 DC n 
1 12 DG n 
# 
loop_
_chem_comp.id 
_chem_comp.type 
_chem_comp.mon_nstd_flag 
_chem_comp.name 
_chem_comp.pdbx_synonyms 
_chem_comp.formula 
_chem_comp.formula_weight 
DA  'DNA linking' y "2'-DEOXYADENOSINE-5'-MONOPHOSPHATE"     ? 'C10 H14 N5 O6 P' 331.222 
DC  'DNA linking' y "2'-DEOXYCYTIDINE-5'-MONOPHOSPHATE"      ? 'C9 H14 N3 O7 P'  307.197 
DG  'DNA linking' y "2'-DEOXYGUANOSINE-5'-MONOPHOSPHATE"     ? 'C10 H14 N5 O7 P' 347.221 
DT  'DNA linking' y "THYMIDINE-5'-MONOPHOSPHATE"             ? 'C10 H15 N2 O8 P' 322.208 
HOH non-polymer   . WATER                                    ? 'H2 O'            18.015  
PET non-polymer   . '1,5-DI(4-AMIDINOPHENOXY)-3-OXA-PENTANE' ? 'C18 H22 N4 O3'   342.392 
# 
loop_
_pdbx_poly_seq_scheme.asym_id 
_pdbx_poly_seq_scheme.entity_id 
_pdbx_poly_seq_scheme.seq_id 
_pdbx_poly_seq_scheme.mon_id 
_pdbx_poly_seq_scheme.ndb_seq_num 
_pdbx_poly_seq_scheme.pdb_seq_num 
_pdbx_poly_seq_scheme.auth_seq_num 
_pdbx_poly_seq_scheme.pdb_mon_id 
_pdbx_poly_seq_scheme.auth_mon_id 
_pdbx_poly_seq_scheme.pdb_strand_id 
_pdbx_poly_seq_scheme.pdb_ins_code 
_pdbx_poly_seq_scheme.hetero 
A 1 1  DC 1  1  1  DC C A . n 
A 1 2  DG 2  2  2  DG G A . n 
A 1 3  DC 3  3  3  DC C A . n 
A 1 4  DG 4  4  4  DG G A . n 
A 1 5  DA 5  5  5  DA A A . n 
A 1 6  DA 6  6  6  DA A A . n 
A 1 7  DT 7  7  7  DT T A . n 
A 1 8  DT 8  8  8  DT T A . n 
A 1 9  DC 9  9  9  DC C A . n 
A 1 10 DG 10 10 10 DG G A . n 
A 1 11 DC 11 11 11 DC C A . n 
A 1 12 DG 12 12 12 DG G A . n 
B 1 1  DC 1  13 13 DC C B . n 
B 1 2  DG 2  14 14 DG G B . n 
B 1 3  DC 3  15 15 DC C B . n 
B 1 4  DG 4  16 16 DG G B . n 
B 1 5  DA 5  17 17 DA A B . n 
B 1 6  DA 6  18 18 DA A B . n 
B 1 7  DT 7  19 19 DT T B . n 
B 1 8  DT 8  20 20 DT T B . n 
B 1 9  DC 9  21 21 DC C B . n 
B 1 10 DG 10 22 22 DG G B . n 
B 1 11 DC 11 23 23 DC C B . n 
B 1 12 DG 12 24 24 DG G B . n 
# 
loop_
_pdbx_nonpoly_scheme.asym_id 
_pdbx_nonpoly_scheme.entity_id 
_pdbx_nonpoly_scheme.mon_id 
_pdbx_nonpoly_scheme.ndb_seq_num 
_pdbx_nonpoly_scheme.pdb_seq_num 
_pdbx_nonpoly_scheme.auth_seq_num 
_pdbx_nonpoly_scheme.pdb_mon_id 
_pdbx_nonpoly_scheme.auth_mon_id 
_pdbx_nonpoly_scheme.pdb_strand_id 
_pdbx_nonpoly_scheme.pdb_ins_code 
C 2 PET 1  25 25 PET PET B . 
D 3 HOH 1  26 26 HOH HOH A . 
D 3 HOH 2  27 27 HOH HOH A . 
D 3 HOH 3  30 30 HOH HOH A . 
D 3 HOH 4  40 40 HOH HOH A . 
D 3 HOH 5  43 43 HOH HOH A . 
D 3 HOH 6  44 44 HOH HOH A . 
D 3 HOH 7  46 46 HOH HOH A . 
D 3 HOH 8  47 47 HOH HOH A . 
D 3 HOH 9  49 49 HOH HOH A . 
D 3 HOH 10 50 50 HOH HOH A . 
D 3 HOH 11 51 51 HOH HOH A . 
D 3 HOH 12 52 52 HOH HOH A . 
D 3 HOH 13 56 56 HOH HOH A . 
D 3 HOH 14 57 57 HOH HOH A . 
D 3 HOH 15 59 59 HOH HOH A . 
D 3 HOH 16 61 61 HOH HOH A . 
D 3 HOH 17 62 62 HOH HOH A . 
D 3 HOH 18 68 68 HOH HOH A . 
D 3 HOH 19 74 74 HOH HOH A . 
D 3 HOH 20 78 78 HOH HOH A . 
D 3 HOH 21 79 79 HOH HOH A . 
D 3 HOH 22 83 83 HOH HOH A . 
D 3 HOH 23 85 85 HOH HOH A . 
D 3 HOH 24 86 86 HOH HOH A . 
D 3 HOH 25 87 87 HOH HOH A . 
D 3 HOH 26 88 88 HOH HOH A . 
D 3 HOH 27 90 90 HOH HOH A . 
D 3 HOH 28 91 91 HOH HOH A . 
D 3 HOH 29 92 92 HOH HOH A . 
D 3 HOH 30 93 93 HOH HOH A . 
D 3 HOH 31 97 97 HOH HOH A . 
D 3 HOH 32 98 98 HOH HOH A . 
E 3 HOH 1  28 28 HOH HOH B . 
E 3 HOH 2  29 29 HOH HOH B . 
E 3 HOH 3  31 31 HOH HOH B . 
E 3 HOH 4  32 32 HOH HOH B . 
E 3 HOH 5  33 33 HOH HOH B . 
E 3 HOH 6  34 34 HOH HOH B . 
E 3 HOH 7  35 35 HOH HOH B . 
E 3 HOH 8  36 36 HOH HOH B . 
E 3 HOH 9  37 37 HOH HOH B . 
E 3 HOH 10 38 38 HOH HOH B . 
E 3 HOH 11 39 39 HOH HOH B . 
E 3 HOH 12 41 41 HOH HOH B . 
E 3 HOH 13 42 42 HOH HOH B . 
E 3 HOH 14 45 45 HOH HOH B . 
E 3 HOH 15 48 48 HOH HOH B . 
E 3 HOH 16 53 53 HOH HOH B . 
E 3 HOH 17 54 54 HOH HOH B . 
E 3 HOH 18 55 55 HOH HOH B . 
E 3 HOH 19 58 58 HOH HOH B . 
E 3 HOH 20 60 60 HOH HOH B . 
E 3 HOH 21 63 63 HOH HOH B . 
E 3 HOH 22 64 64 HOH HOH B . 
E 3 HOH 23 65 65 HOH HOH B . 
E 3 HOH 24 66 66 HOH HOH B . 
E 3 HOH 25 67 67 HOH HOH B . 
E 3 HOH 26 69 69 HOH HOH B . 
E 3 HOH 27 70 70 HOH HOH B . 
E 3 HOH 28 71 71 HOH HOH B . 
E 3 HOH 29 72 72 HOH HOH B . 
E 3 HOH 30 73 73 HOH HOH B . 
E 3 HOH 31 75 75 HOH HOH B . 
E 3 HOH 32 76 76 HOH HOH B . 
E 3 HOH 33 77 77 HOH HOH B . 
E 3 HOH 34 80 80 HOH HOH B . 
E 3 HOH 35 81 81 HOH HOH B . 
E 3 HOH 36 82 82 HOH HOH B . 
E 3 HOH 37 84 84 HOH HOH B . 
E 3 HOH 38 89 89 HOH HOH B . 
E 3 HOH 39 94 94 HOH HOH B . 
E 3 HOH 40 95 95 HOH HOH B . 
E 3 HOH 41 96 96 HOH HOH B . 
# 
_software.name             X-PLOR 
_software.classification   refinement 
_software.version          . 
_software.citation_id      ? 
_software.pdbx_ordinal     1 
# 
_cell.entry_id           166D 
_cell.length_a           24.690 
_cell.length_b           40.330 
_cell.length_c           66.470 
_cell.angle_alpha        90.00 
_cell.angle_beta         90.00 
_cell.angle_gamma        90.00 
_cell.Z_PDB              8 
_cell.pdbx_unique_axis   ? 
# 
_symmetry.entry_id                         166D 
_symmetry.space_group_name_H-M             'P 21 21 21' 
_symmetry.pdbx_full_space_group_name_H-M   ? 
_symmetry.cell_setting                     ? 
_symmetry.Int_Tables_number                19 
# 
_exptl.entry_id          166D 
_exptl.method            'X-RAY DIFFRACTION' 
_exptl.crystals_number   ? 
# 
_exptl_crystal.id                    1 
_exptl_crystal.density_meas          ? 
_exptl_crystal.density_Matthews      2.26 
_exptl_crystal.density_percent_sol   45.54 
_exptl_crystal.description           ? 
# 
_exptl_crystal_grow.crystal_id      1 
_exptl_crystal_grow.method          'VAPOR DIFFUSION, SITTING DROP' 
_exptl_crystal_grow.temp            286.00 
_exptl_crystal_grow.temp_details    ? 
_exptl_crystal_grow.pH              7.00 
_exptl_crystal_grow.pdbx_details    'pH 7.00, VAPOR DIFFUSION, SITTING DROP, temperature 286.00K' 
_exptl_crystal_grow.pdbx_pH_range   ? 
# 
loop_
_exptl_crystal_grow_comp.crystal_id 
_exptl_crystal_grow_comp.id 
_exptl_crystal_grow_comp.sol_id 
_exptl_crystal_grow_comp.name 
_exptl_crystal_grow_comp.volume 
_exptl_crystal_grow_comp.conc 
_exptl_crystal_grow_comp.details 
1 1 1 WATER           ? ? ? 
1 2 1 MPD             ? ? ? 
1 3 1 MGCL2           ? ? ? 
1 4 1 'NA CACODYLATE' ? ? ? 
1 5 2 WATER           ? ? ? 
1 6 2 MPD             ? ? ? 
# 
_diffrn.id                     1 
_diffrn.ambient_temp           287.00 
_diffrn.ambient_temp_details   ? 
_diffrn.crystal_id             1 
# 
_diffrn_detector.diffrn_id              1 
_diffrn_detector.detector               'AREA DETECTOR' 
_diffrn_detector.type                   XENTRONICS 
_diffrn_detector.pdbx_collection_date   ? 
_diffrn_detector.details                ? 
# 
_diffrn_radiation.diffrn_id                        1 
_diffrn_radiation.wavelength_id                    1 
_diffrn_radiation.pdbx_monochromatic_or_laue_m_l   ? 
_diffrn_radiation.monochromator                    ? 
_diffrn_radiation.pdbx_diffrn_protocol             ? 
_diffrn_radiation.pdbx_scattering_type             x-ray 
# 
_diffrn_radiation_wavelength.id           1 
_diffrn_radiation_wavelength.wavelength   1.5418 
_diffrn_radiation_wavelength.wt           1.0 
# 
_diffrn_source.diffrn_id                   1 
_diffrn_source.source                      'ROTATING ANODE' 
_diffrn_source.type                        ? 
_diffrn_source.pdbx_synchrotron_site       ? 
_diffrn_source.pdbx_synchrotron_beamline   ? 
_diffrn_source.pdbx_wavelength             1.5418 
_diffrn_source.pdbx_wavelength_list        ? 
# 
_reflns.entry_id                     166D 
_reflns.observed_criterion_sigma_I   ? 
_reflns.observed_criterion_sigma_F   ? 
_reflns.d_resolution_low             ? 
_reflns.d_resolution_high            2.100 
_reflns.number_obs                   3846 
_reflns.number_all                   9633 
_reflns.percent_possible_obs         ? 
_reflns.pdbx_Rmerge_I_obs            ? 
_reflns.pdbx_Rsym_value              ? 
_reflns.pdbx_netI_over_sigmaI        ? 
_reflns.B_iso_Wilson_estimate        ? 
_reflns.pdbx_redundancy              ? 
_reflns.pdbx_diffrn_id               1 
_reflns.pdbx_ordinal                 1 
# 
_refine.entry_id                                 166D 
_refine.ls_number_reflns_obs                     3184 
_refine.ls_number_reflns_all                     ? 
_refine.pdbx_ls_sigma_I                          ? 
_refine.pdbx_ls_sigma_F                          2.000 
_refine.pdbx_data_cutoff_high_absF               ? 
_refine.pdbx_data_cutoff_low_absF                ? 
_refine.pdbx_data_cutoff_high_rms_absF           ? 
_refine.ls_d_res_low                             8.000 
_refine.ls_d_res_high                            2.200 
_refine.ls_percent_reflns_obs                    97.400 
_refine.ls_R_factor_obs                          0.1890000 
_refine.ls_R_factor_all                          ? 
_refine.ls_R_factor_R_work                       0.1890000 
_refine.ls_R_factor_R_free                       0.1980000 
_refine.ls_R_factor_R_free_error                 ? 
_refine.ls_R_factor_R_free_error_details         ? 
_refine.ls_percent_reflns_R_free                 ? 
_refine.ls_number_reflns_R_free                  ? 
_refine.ls_number_parameters                     ? 
_refine.ls_number_restraints                     ? 
_refine.occupancy_min                            ? 
_refine.occupancy_max                            ? 
_refine.B_iso_mean                               ? 
_refine.aniso_B[1][1]                            ? 
_refine.aniso_B[2][2]                            ? 
_refine.aniso_B[3][3]                            ? 
_refine.aniso_B[1][2]                            ? 
_refine.aniso_B[1][3]                            ? 
_refine.aniso_B[2][3]                            ? 
_refine.solvent_model_details                    ? 
_refine.solvent_model_param_ksol                 ? 
_refine.solvent_model_param_bsol                 ? 
_refine.pdbx_ls_cross_valid_method               ? 
_refine.details                                  ? 
_refine.pdbx_starting_model                      ? 
_refine.pdbx_method_to_determine_struct          ? 
_refine.pdbx_isotropic_thermal_model             ? 
_refine.pdbx_stereochemistry_target_values       ? 
_refine.pdbx_stereochem_target_val_spec_case     ? 
_refine.pdbx_R_Free_selection_details            ? 
_refine.pdbx_overall_ESU_R                       ? 
_refine.pdbx_overall_ESU_R_Free                  ? 
_refine.overall_SU_ML                            ? 
_refine.overall_SU_B                             ? 
_refine.pdbx_refine_id                           'X-RAY DIFFRACTION' 
_refine.pdbx_diffrn_id                           1 
_refine.pdbx_TLS_residual_ADP_flag               ? 
_refine.correlation_coeff_Fo_to_Fc               ? 
_refine.correlation_coeff_Fo_to_Fc_free          ? 
_refine.pdbx_solvent_vdw_probe_radii             ? 
_refine.pdbx_solvent_ion_probe_radii             ? 
_refine.pdbx_solvent_shrinkage_radii             ? 
_refine.pdbx_overall_phase_error                 ? 
_refine.overall_SU_R_Cruickshank_DPI             ? 
_refine.pdbx_overall_SU_R_free_Cruickshank_DPI   ? 
_refine.pdbx_overall_SU_R_Blow_DPI               ? 
_refine.pdbx_overall_SU_R_free_Blow_DPI          ? 
# 
_refine_hist.pdbx_refine_id                   'X-RAY DIFFRACTION' 
_refine_hist.cycle_id                         LAST 
_refine_hist.pdbx_number_atoms_protein        0 
_refine_hist.pdbx_number_atoms_nucleic_acid   486 
_refine_hist.pdbx_number_atoms_ligand         25 
_refine_hist.number_atoms_solvent             73 
_refine_hist.number_atoms_total               584 
_refine_hist.d_res_high                       2.200 
_refine_hist.d_res_low                        8.000 
# 
_struct.entry_id                  166D 
_struct.title                     
'DRUG-DNA MINOR GROOVE RECOGNITION: CRYSTAL STRUCTURE OF GAMMA-OXAPENTAMIDINE COMPLEXED WITH D(CGCGAATTCGCG)2' 
_struct.pdbx_model_details        ? 
_struct.pdbx_CASP_flag            ? 
_struct.pdbx_model_type_details   ? 
# 
_struct_keywords.entry_id        166D 
_struct_keywords.pdbx_keywords   DNA 
_struct_keywords.text            'B-DNA, DOUBLE HELIX, COMPLEXED WITH DRUG, DNA' 
# 
loop_
_struct_asym.id 
_struct_asym.pdbx_blank_PDB_chainid_flag 
_struct_asym.pdbx_modified 
_struct_asym.entity_id 
_struct_asym.details 
A N N 1 ? 
B N N 1 ? 
C N N 2 ? 
D N N 3 ? 
E N N 3 ? 
# 
_struct_ref.id                         1 
_struct_ref.entity_id                  1 
_struct_ref.db_name                    PDB 
_struct_ref.db_code                    166D 
_struct_ref.pdbx_db_accession          166D 
_struct_ref.pdbx_db_isoform            ? 
_struct_ref.pdbx_seq_one_letter_code   ? 
_struct_ref.pdbx_align_begin           ? 
# 
loop_
_struct_ref_seq.align_id 
_struct_ref_seq.ref_id 
_struct_ref_seq.pdbx_PDB_id_code 
_struct_ref_seq.pdbx_strand_id 
_struct_ref_seq.seq_align_beg 
_struct_ref_seq.pdbx_seq_align_beg_ins_code 
_struct_ref_seq.seq_align_end 
_struct_ref_seq.pdbx_seq_align_end_ins_code 
_struct_ref_seq.pdbx_db_accession 
_struct_ref_seq.db_align_beg 
_struct_ref_seq.pdbx_db_align_beg_ins_code 
_struct_ref_seq.db_align_end 
_struct_ref_seq.pdbx_db_align_end_ins_code 
_struct_ref_seq.pdbx_auth_seq_align_beg 
_struct_ref_seq.pdbx_auth_seq_align_end 
1 1 166D A 1 ? 12 ? 166D 1  ? 12 ? 1  12 
2 1 166D B 1 ? 12 ? 166D 13 ? 24 ? 13 24 
# 
_pdbx_struct_assembly.id                   1 
_pdbx_struct_assembly.details              author_defined_assembly 
_pdbx_struct_assembly.method_details       ? 
_pdbx_struct_assembly.oligomeric_details   dimeric 
_pdbx_struct_assembly.oligomeric_count     2 
# 
_pdbx_struct_assembly_gen.assembly_id       1 
_pdbx_struct_assembly_gen.oper_expression   1 
_pdbx_struct_assembly_gen.asym_id_list      A,B,C,D,E 
# 
_pdbx_struct_oper_list.id                   1 
_pdbx_struct_oper_list.type                 'identity operation' 
_pdbx_struct_oper_list.name                 1_555 
_pdbx_struct_oper_list.symmetry_operation   x,y,z 
_pdbx_struct_oper_list.matrix[1][1]         1.0000000000 
_pdbx_struct_oper_list.matrix[1][2]         0.0000000000 
_pdbx_struct_oper_list.matrix[1][3]         0.0000000000 
_pdbx_struct_oper_list.vector[1]            0.0000000000 
_pdbx_struct_oper_list.matrix[2][1]         0.0000000000 
_pdbx_struct_oper_list.matrix[2][2]         1.0000000000 
_pdbx_struct_oper_list.matrix[2][3]         0.0000000000 
_pdbx_struct_oper_list.vector[2]            0.0000000000 
_pdbx_struct_oper_list.matrix[3][1]         0.0000000000 
_pdbx_struct_oper_list.matrix[3][2]         0.0000000000 
_pdbx_struct_oper_list.matrix[3][3]         1.0000000000 
_pdbx_struct_oper_list.vector[3]            0.0000000000 
# 
_struct_biol.id   1 
# 
loop_
_struct_conn.id 
_struct_conn.conn_type_id 
_struct_conn.pdbx_leaving_atom_flag 
_struct_conn.pdbx_PDB_id 
_struct_conn.ptnr1_label_asym_id 
_struct_conn.ptnr1_label_comp_id 
_struct_conn.ptnr1_label_seq_id 
_struct_conn.ptnr1_label_atom_id 
_struct_conn.pdbx_ptnr1_label_alt_id 
_struct_conn.pdbx_ptnr1_PDB_ins_code 
_struct_conn.pdbx_ptnr1_standard_comp_id 
_struct_conn.ptnr1_symmetry 
_struct_conn.ptnr2_label_asym_id 
_struct_conn.ptnr2_label_comp_id 
_struct_conn.ptnr2_label_seq_id 
_struct_conn.ptnr2_label_atom_id 
_struct_conn.pdbx_ptnr2_label_alt_id 
_struct_conn.pdbx_ptnr2_PDB_ins_code 
_struct_conn.ptnr1_auth_asym_id 
_struct_conn.ptnr1_auth_comp_id 
_struct_conn.ptnr1_auth_seq_id 
_struct_conn.ptnr2_auth_asym_id 
_struct_conn.ptnr2_auth_comp_id 
_struct_conn.ptnr2_auth_seq_id 
_struct_conn.ptnr2_symmetry 
_struct_conn.pdbx_ptnr3_label_atom_id 
_struct_conn.pdbx_ptnr3_label_seq_id 
_struct_conn.pdbx_ptnr3_label_comp_id 
_struct_conn.pdbx_ptnr3_label_asym_id 
_struct_conn.pdbx_ptnr3_label_alt_id 
_struct_conn.pdbx_ptnr3_PDB_ins_code 
_struct_conn.details 
_struct_conn.pdbx_dist_value 
_struct_conn.pdbx_value_order 
_struct_conn.pdbx_role 
hydrog1  hydrog ? ? A DC 1  N3 ? ? ? 1_555 B DG 12 N1 ? ? A DC 1  B DG 24 1_555 ? ? ? ? ? ? WATSON-CRICK ? ? ? 
hydrog2  hydrog ? ? A DC 1  N4 ? ? ? 1_555 B DG 12 O6 ? ? A DC 1  B DG 24 1_555 ? ? ? ? ? ? WATSON-CRICK ? ? ? 
hydrog3  hydrog ? ? A DC 1  O2 ? ? ? 1_555 B DG 12 N2 ? ? A DC 1  B DG 24 1_555 ? ? ? ? ? ? WATSON-CRICK ? ? ? 
hydrog4  hydrog ? ? A DG 2  N1 ? ? ? 1_555 B DC 11 N3 ? ? A DG 2  B DC 23 1_555 ? ? ? ? ? ? WATSON-CRICK ? ? ? 
hydrog5  hydrog ? ? A DG 2  N2 ? ? ? 1_555 B DC 11 O2 ? ? A DG 2  B DC 23 1_555 ? ? ? ? ? ? WATSON-CRICK ? ? ? 
hydrog6  hydrog ? ? A DG 2  O6 ? ? ? 1_555 B DC 11 N4 ? ? A DG 2  B DC 23 1_555 ? ? ? ? ? ? WATSON-CRICK ? ? ? 
hydrog7  hydrog ? ? A DC 3  N3 ? ? ? 1_555 B DG 10 N1 ? ? A DC 3  B DG 22 1_555 ? ? ? ? ? ? WATSON-CRICK ? ? ? 
hydrog8  hydrog ? ? A DC 3  N4 ? ? ? 1_555 B DG 10 O6 ? ? A DC 3  B DG 22 1_555 ? ? ? ? ? ? WATSON-CRICK ? ? ? 
hydrog9  hydrog ? ? A DC 3  O2 ? ? ? 1_555 B DG 10 N2 ? ? A DC 3  B DG 22 1_555 ? ? ? ? ? ? WATSON-CRICK ? ? ? 
hydrog10 hydrog ? ? A DG 4  N1 ? ? ? 1_555 B DC 9  N3 ? ? A DG 4  B DC 21 1_555 ? ? ? ? ? ? WATSON-CRICK ? ? ? 
hydrog11 hydrog ? ? A DG 4  N2 ? ? ? 1_555 B DC 9  O2 ? ? A DG 4  B DC 21 1_555 ? ? ? ? ? ? WATSON-CRICK ? ? ? 
hydrog12 hydrog ? ? A DG 4  O6 ? ? ? 1_555 B DC 9  N4 ? ? A DG 4  B DC 21 1_555 ? ? ? ? ? ? WATSON-CRICK ? ? ? 
hydrog13 hydrog ? ? A DA 5  N1 ? ? ? 1_555 B DT 8  N3 ? ? A DA 5  B DT 20 1_555 ? ? ? ? ? ? WATSON-CRICK ? ? ? 
hydrog14 hydrog ? ? A DA 5  N6 ? ? ? 1_555 B DT 8  O4 ? ? A DA 5  B DT 20 1_555 ? ? ? ? ? ? WATSON-CRICK ? ? ? 
hydrog15 hydrog ? ? A DA 6  N1 ? ? ? 1_555 B DT 7  N3 ? ? A DA 6  B DT 19 1_555 ? ? ? ? ? ? WATSON-CRICK ? ? ? 
hydrog16 hydrog ? ? A DA 6  N6 ? ? ? 1_555 B DT 7  O4 ? ? A DA 6  B DT 19 1_555 ? ? ? ? ? ? WATSON-CRICK ? ? ? 
hydrog17 hydrog ? ? A DT 7  N3 ? ? ? 1_555 B DA 6  N1 ? ? A DT 7  B DA 18 1_555 ? ? ? ? ? ? WATSON-CRICK ? ? ? 
hydrog18 hydrog ? ? A DT 7  O4 ? ? ? 1_555 B DA 6  N6 ? ? A DT 7  B DA 18 1_555 ? ? ? ? ? ? WATSON-CRICK ? ? ? 
hydrog19 hydrog ? ? A DT 8  N3 ? ? ? 1_555 B DA 5  N1 ? ? A DT 8  B DA 17 1_555 ? ? ? ? ? ? WATSON-CRICK ? ? ? 
hydrog20 hydrog ? ? A DT 8  O4 ? ? ? 1_555 B DA 5  N6 ? ? A DT 8  B DA 17 1_555 ? ? ? ? ? ? WATSON-CRICK ? ? ? 
hydrog21 hydrog ? ? A DC 9  N3 ? ? ? 1_555 B DG 4  N1 ? ? A DC 9  B DG 16 1_555 ? ? ? ? ? ? WATSON-CRICK ? ? ? 
hydrog22 hydrog ? ? A DC 9  N4 ? ? ? 1_555 B DG 4  O6 ? ? A DC 9  B DG 16 1_555 ? ? ? ? ? ? WATSON-CRICK ? ? ? 
hydrog23 hydrog ? ? A DC 9  O2 ? ? ? 1_555 B DG 4  N2 ? ? A DC 9  B DG 16 1_555 ? ? ? ? ? ? WATSON-CRICK ? ? ? 
hydrog24 hydrog ? ? A DG 10 N1 ? ? ? 1_555 B DC 3  N3 ? ? A DG 10 B DC 15 1_555 ? ? ? ? ? ? WATSON-CRICK ? ? ? 
hydrog25 hydrog ? ? A DG 10 N2 ? ? ? 1_555 B DC 3  O2 ? ? A DG 10 B DC 15 1_555 ? ? ? ? ? ? WATSON-CRICK ? ? ? 
hydrog26 hydrog ? ? A DG 10 O6 ? ? ? 1_555 B DC 3  N4 ? ? A DG 10 B DC 15 1_555 ? ? ? ? ? ? WATSON-CRICK ? ? ? 
hydrog27 hydrog ? ? A DC 11 N3 ? ? ? 1_555 B DG 2  N1 ? ? A DC 11 B DG 14 1_555 ? ? ? ? ? ? WATSON-CRICK ? ? ? 
hydrog28 hydrog ? ? A DC 11 N4 ? ? ? 1_555 B DG 2  O6 ? ? A DC 11 B DG 14 1_555 ? ? ? ? ? ? WATSON-CRICK ? ? ? 
hydrog29 hydrog ? ? A DC 11 O2 ? ? ? 1_555 B DG 2  N2 ? ? A DC 11 B DG 14 1_555 ? ? ? ? ? ? WATSON-CRICK ? ? ? 
hydrog30 hydrog ? ? A DG 12 N1 ? ? ? 1_555 B DC 1  N3 ? ? A DG 12 B DC 13 1_555 ? ? ? ? ? ? WATSON-CRICK ? ? ? 
hydrog31 hydrog ? ? A DG 12 N2 ? ? ? 1_555 B DC 1  O2 ? ? A DG 12 B DC 13 1_555 ? ? ? ? ? ? WATSON-CRICK ? ? ? 
hydrog32 hydrog ? ? A DG 12 O6 ? ? ? 1_555 B DC 1  N4 ? ? A DG 12 B DC 13 1_555 ? ? ? ? ? ? WATSON-CRICK ? ? ? 
# 
_struct_conn_type.id          hydrog 
_struct_conn_type.criteria    ? 
_struct_conn_type.reference   ? 
# 
loop_
_struct_site.id 
_struct_site.pdbx_evidence_code 
_struct_site.pdbx_auth_asym_id 
_struct_site.pdbx_auth_comp_id 
_struct_site.pdbx_auth_seq_id 
_struct_site.pdbx_auth_ins_code 
_struct_site.pdbx_num_residues 
_struct_site.details 
AC1 Software B PET 25 ? 13 'BINDING SITE FOR RESIDUE PET B 25' 
1   ?        ? ?   ?  ? ?  ?                                   
# 
loop_
_struct_site_gen.id 
_struct_site_gen.site_id 
_struct_site_gen.pdbx_num_res 
_struct_site_gen.label_comp_id 
_struct_site_gen.label_asym_id 
_struct_site_gen.label_seq_id 
_struct_site_gen.pdbx_auth_ins_code 
_struct_site_gen.auth_comp_id 
_struct_site_gen.auth_asym_id 
_struct_site_gen.auth_seq_id 
_struct_site_gen.label_atom_id 
_struct_site_gen.label_alt_id 
_struct_site_gen.symmetry 
_struct_site_gen.details 
1  AC1 13 DA  A 5 ? DA  A 5  . ? 1_555 ? 
2  AC1 13 DA  A 6 ? DA  A 6  . ? 1_555 ? 
3  AC1 13 DT  A 7 ? DT  A 7  . ? 1_555 ? 
4  AC1 13 DT  A 8 ? DT  A 8  . ? 1_555 ? 
5  AC1 13 DC  A 9 ? DC  A 9  . ? 1_555 ? 
6  AC1 13 DA  B 6 ? DA  B 18 . ? 1_555 ? 
7  AC1 13 DT  B 7 ? DT  B 19 . ? 1_555 ? 
8  AC1 13 DT  B 8 ? DT  B 20 . ? 1_555 ? 
9  AC1 13 DC  B 9 ? DC  B 21 . ? 1_555 ? 
10 AC1 13 HOH E . ? HOH B 45 . ? 1_555 ? 
11 AC1 13 HOH E . ? HOH B 69 . ? 1_555 ? 
12 AC1 13 HOH E . ? HOH B 81 . ? 1_555 ? 
13 AC1 13 HOH E . ? HOH B 82 . ? 1_555 ? 
# 
loop_
_pdbx_validate_rmsd_bond.id 
_pdbx_validate_rmsd_bond.PDB_model_num 
_pdbx_validate_rmsd_bond.auth_atom_id_1 
_pdbx_validate_rmsd_bond.auth_asym_id_1 
_pdbx_validate_rmsd_bond.auth_comp_id_1 
_pdbx_validate_rmsd_bond.auth_seq_id_1 
_pdbx_validate_rmsd_bond.PDB_ins_code_1 
_pdbx_validate_rmsd_bond.label_alt_id_1 
_pdbx_validate_rmsd_bond.auth_atom_id_2 
_pdbx_validate_rmsd_bond.auth_asym_id_2 
_pdbx_validate_rmsd_bond.auth_comp_id_2 
_pdbx_validate_rmsd_bond.auth_seq_id_2 
_pdbx_validate_rmsd_bond.PDB_ins_code_2 
_pdbx_validate_rmsd_bond.label_alt_id_2 
_pdbx_validate_rmsd_bond.bond_value 
_pdbx_validate_rmsd_bond.bond_target_value 
_pdbx_validate_rmsd_bond.bond_deviation 
_pdbx_validate_rmsd_bond.bond_standard_deviation 
_pdbx_validate_rmsd_bond.linker_flag 
1  1 "C2'" A DC 1  ? ? "C1'" A DC 1  ? ? 1.457 1.518 -0.061 0.010 N 
2  1 "C5'" A DC 3  ? ? "C4'" A DC 3  ? ? 1.429 1.509 -0.080 0.011 N 
3  1 N1    A DC 3  ? ? C2    A DC 3  ? ? 1.329 1.397 -0.068 0.010 N 
4  1 N3    A DA 5  ? ? C4    A DA 5  ? ? 1.381 1.344 0.037  0.006 N 
5  1 C5    A DA 6  ? ? N7    A DA 6  ? ? 1.431 1.388 0.043  0.006 N 
6  1 N9    A DA 6  ? ? C4    A DA 6  ? ? 1.431 1.374 0.057  0.006 N 
7  1 P     A DT 7  ? ? "O5'" A DT 7  ? ? 1.530 1.593 -0.063 0.010 N 
8  1 "C2'" A DT 7  ? ? "C1'" A DT 7  ? ? 1.454 1.518 -0.064 0.010 N 
9  1 C6    A DT 7  ? ? N1    A DT 7  ? ? 1.333 1.378 -0.045 0.007 N 
10 1 P     A DC 9  ? ? "O5'" A DC 9  ? ? 1.524 1.593 -0.069 0.010 N 
11 1 N1    A DC 11 ? ? C6    A DC 11 ? ? 1.323 1.367 -0.044 0.006 N 
12 1 P     A DG 12 ? ? "O5'" A DG 12 ? ? 1.662 1.593 0.069  0.010 N 
13 1 N3    A DG 12 ? ? C4    A DG 12 ? ? 1.394 1.350 0.044  0.007 N 
14 1 "C5'" B DC 13 ? ? "C4'" B DC 13 ? ? 1.574 1.512 0.062  0.007 N 
15 1 N7    B DG 14 ? ? C8    B DG 14 ? ? 1.266 1.305 -0.039 0.006 N 
16 1 "O3'" B DC 15 ? ? "C3'" B DC 15 ? ? 1.370 1.419 -0.049 0.006 N 
17 1 C5    B DG 16 ? ? N7    B DG 16 ? ? 1.349 1.388 -0.039 0.006 N 
18 1 "C2'" B DT 20 ? ? "C1'" B DT 20 ? ? 1.446 1.518 -0.072 0.010 N 
19 1 "O3'" B DG 22 ? ? "C3'" B DG 22 ? ? 1.379 1.419 -0.040 0.006 N 
20 1 C6    B DG 22 ? ? N1    B DG 22 ? ? 1.344 1.391 -0.047 0.007 N 
21 1 C2    B DG 22 ? ? N2    B DG 22 ? ? 1.281 1.341 -0.060 0.010 N 
22 1 "C3'" B DG 24 ? ? "C2'" B DG 24 ? ? 1.466 1.516 -0.050 0.008 N 
# 
loop_
_pdbx_validate_rmsd_angle.id 
_pdbx_validate_rmsd_angle.PDB_model_num 
_pdbx_validate_rmsd_angle.auth_atom_id_1 
_pdbx_validate_rmsd_angle.auth_asym_id_1 
_pdbx_validate_rmsd_angle.auth_comp_id_1 
_pdbx_validate_rmsd_angle.auth_seq_id_1 
_pdbx_validate_rmsd_angle.PDB_ins_code_1 
_pdbx_validate_rmsd_angle.label_alt_id_1 
_pdbx_validate_rmsd_angle.auth_atom_id_2 
_pdbx_validate_rmsd_angle.auth_asym_id_2 
_pdbx_validate_rmsd_angle.auth_comp_id_2 
_pdbx_validate_rmsd_angle.auth_seq_id_2 
_pdbx_validate_rmsd_angle.PDB_ins_code_2 
_pdbx_validate_rmsd_angle.label_alt_id_2 
_pdbx_validate_rmsd_angle.auth_atom_id_3 
_pdbx_validate_rmsd_angle.auth_asym_id_3 
_pdbx_validate_rmsd_angle.auth_comp_id_3 
_pdbx_validate_rmsd_angle.auth_seq_id_3 
_pdbx_validate_rmsd_angle.PDB_ins_code_3 
_pdbx_validate_rmsd_angle.label_alt_id_3 
_pdbx_validate_rmsd_angle.angle_value 
_pdbx_validate_rmsd_angle.angle_target_value 
_pdbx_validate_rmsd_angle.angle_deviation 
_pdbx_validate_rmsd_angle.angle_standard_deviation 
_pdbx_validate_rmsd_angle.linker_flag 
1  1 "O4'" A DC 1  ? ? "C4'" A DC 1  ? ? "C3'" A DC 1  ? ? 99.78  104.50 -4.72  0.40 N 
2  1 "C5'" A DC 1  ? ? "C4'" A DC 1  ? ? "C3'" A DC 1  ? ? 101.56 114.10 -12.54 1.80 N 
3  1 "C5'" A DC 1  ? ? "C4'" A DC 1  ? ? "O4'" A DC 1  ? ? 116.69 109.80 6.89   1.10 N 
4  1 "O4'" A DG 2  ? ? "C1'" A DG 2  ? ? N9    A DG 2  ? ? 110.21 108.30 1.91   0.30 N 
5  1 N1    A DG 2  ? ? C6    A DG 2  ? ? O6    A DG 2  ? ? 123.84 119.90 3.94   0.60 N 
6  1 C5    A DG 2  ? ? C6    A DG 2  ? ? O6    A DG 2  ? ? 124.73 128.60 -3.87  0.60 N 
7  1 "C3'" A DG 2  ? ? "O3'" A DG 2  ? ? P     A DC 3  ? ? 127.85 119.70 8.15   1.20 Y 
8  1 P     A DC 3  ? ? "O5'" A DC 3  ? ? "C5'" A DC 3  ? ? 107.42 120.90 -13.48 1.60 N 
9  1 "C3'" A DC 3  ? ? "C2'" A DC 3  ? ? "C1'" A DC 3  ? ? 109.80 102.50 7.30   1.20 N 
10 1 C2    A DC 3  ? ? N3    A DC 3  ? ? C4    A DC 3  ? ? 123.28 119.90 3.38   0.50 N 
11 1 N3    A DC 3  ? ? C4    A DC 3  ? ? C5    A DC 3  ? ? 118.94 121.90 -2.96  0.40 N 
12 1 "C3'" A DC 3  ? ? "O3'" A DC 3  ? ? P     A DG 4  ? ? 108.26 119.70 -11.44 1.20 Y 
13 1 P     A DG 4  ? ? "O5'" A DG 4  ? ? "C5'" A DG 4  ? ? 111.16 120.90 -9.74  1.60 N 
14 1 "O4'" A DG 4  ? ? "C1'" A DG 4  ? ? N9    A DG 4  ? ? 113.60 108.30 5.30   0.30 N 
15 1 C5    A DG 4  ? ? N7    A DG 4  ? ? C8    A DG 4  ? ? 101.23 104.30 -3.07  0.50 N 
16 1 N1    A DG 4  ? ? C2    A DG 4  ? ? N2    A DG 4  ? ? 122.35 116.20 6.15   0.90 N 
17 1 C5    A DG 4  ? ? C6    A DG 4  ? ? O6    A DG 4  ? ? 122.85 128.60 -5.75  0.60 N 
18 1 "O4'" A DA 5  ? ? "C1'" A DA 5  ? ? "C2'" A DA 5  ? ? 100.54 105.90 -5.36  0.80 N 
19 1 "O4'" A DA 5  ? ? "C1'" A DA 5  ? ? N9    A DA 5  ? ? 112.15 108.30 3.85   0.30 N 
20 1 "O4'" A DA 6  ? ? "C4'" A DA 6  ? ? "C3'" A DA 6  ? ? 101.18 104.50 -3.32  0.40 N 
21 1 "O4'" A DA 6  ? ? "C1'" A DA 6  ? ? "C2'" A DA 6  ? ? 100.62 105.90 -5.28  0.80 N 
22 1 P     A DT 7  ? ? "O5'" A DT 7  ? ? "C5'" A DT 7  ? ? 108.78 120.90 -12.12 1.60 N 
23 1 "O4'" A DT 7  ? ? "C1'" A DT 7  ? ? N1    A DT 7  ? ? 110.27 108.30 1.97   0.30 N 
24 1 N3    A DT 7  ? ? C4    A DT 7  ? ? C5    A DT 7  ? ? 110.30 115.20 -4.90  0.60 N 
25 1 C4    A DT 7  ? ? C5    A DT 7  ? ? C6    A DT 7  ? ? 124.11 118.00 6.11   0.60 N 
26 1 N3    A DT 7  ? ? C4    A DT 7  ? ? O4    A DT 7  ? ? 124.06 119.90 4.16   0.60 N 
27 1 C4    A DT 7  ? ? C5    A DT 7  ? ? C7    A DT 7  ? ? 114.40 119.00 -4.60  0.60 N 
28 1 P     A DT 8  ? ? "O5'" A DT 8  ? ? "C5'" A DT 8  ? ? 110.91 120.90 -9.99  1.60 N 
29 1 "O4'" A DT 8  ? ? "C1'" A DT 8  ? ? "C2'" A DT 8  ? ? 98.91  105.90 -6.99  0.80 N 
30 1 N1    A DT 8  ? ? C2    A DT 8  ? ? N3    A DT 8  ? ? 118.99 114.60 4.39   0.60 N 
31 1 C4    A DT 8  ? ? C5    A DT 8  ? ? C6    A DT 8  ? ? 122.70 118.00 4.70   0.60 N 
32 1 C5    A DT 8  ? ? C6    A DT 8  ? ? N1    A DT 8  ? ? 119.81 123.70 -3.89  0.60 N 
33 1 N3    A DT 8  ? ? C2    A DT 8  ? ? O2    A DT 8  ? ? 116.21 122.30 -6.09  0.60 N 
34 1 C6    A DT 8  ? ? C5    A DT 8  ? ? C7    A DT 8  ? ? 118.76 122.90 -4.14  0.60 N 
35 1 "O4'" A DC 9  ? ? "C1'" A DC 9  ? ? N1    A DC 9  ? ? 112.16 108.30 3.86   0.30 N 
36 1 C2    A DC 9  ? ? N3    A DC 9  ? ? C4    A DC 9  ? ? 123.57 119.90 3.67   0.50 N 
37 1 N3    A DC 9  ? ? C4    A DC 9  ? ? C5    A DC 9  ? ? 119.33 121.90 -2.57  0.40 N 
38 1 N1    A DC 9  ? ? C2    A DC 9  ? ? O2    A DC 9  ? ? 125.26 118.90 6.36   0.60 N 
39 1 N3    A DC 9  ? ? C2    A DC 9  ? ? O2    A DC 9  ? ? 116.30 121.90 -5.60  0.70 N 
40 1 C5    A DC 9  ? ? C4    A DC 9  ? ? N4    A DC 9  ? ? 125.55 120.20 5.35   0.70 N 
41 1 "C3'" A DG 10 ? ? "C2'" A DG 10 ? ? "C1'" A DG 10 ? ? 97.18  102.40 -5.22  0.80 N 
42 1 P     A DC 11 ? ? "O5'" A DC 11 ? ? "C5'" A DC 11 ? ? 111.04 120.90 -9.86  1.60 N 
43 1 N1    A DC 11 ? ? C2    A DC 11 ? ? O2    A DC 11 ? ? 122.99 118.90 4.09   0.60 N 
44 1 N3    A DC 11 ? ? C2    A DC 11 ? ? O2    A DC 11 ? ? 116.83 121.90 -5.07  0.70 N 
45 1 "O4'" A DG 12 ? ? "C4'" A DG 12 ? ? "C3'" A DG 12 ? ? 100.31 104.50 -4.19  0.40 N 
46 1 "O4'" A DG 12 ? ? "C1'" A DG 12 ? ? N9    A DG 12 ? ? 114.10 108.30 5.80   0.30 N 
47 1 "O4'" B DC 13 ? ? "C4'" B DC 13 ? ? "C3'" B DC 13 ? ? 102.09 104.50 -2.41  0.40 N 
48 1 N1    B DC 13 ? ? C2    B DC 13 ? ? O2    B DC 13 ? ? 122.88 118.90 3.98   0.60 N 
49 1 "O4'" B DG 14 ? ? "C1'" B DG 14 ? ? N9    B DG 14 ? ? 111.99 108.30 3.69   0.30 N 
50 1 "O4'" B DC 15 ? ? "C4'" B DC 15 ? ? "C3'" B DC 15 ? ? 100.51 104.50 -3.99  0.40 N 
51 1 "C1'" B DC 15 ? ? "O4'" B DC 15 ? ? "C4'" B DC 15 ? ? 115.17 110.30 4.87   0.70 N 
52 1 "O4'" B DC 15 ? ? "C1'" B DC 15 ? ? "C2'" B DC 15 ? ? 98.50  105.90 -7.40  0.80 N 
53 1 "O4'" B DC 15 ? ? "C1'" B DC 15 ? ? N1    B DC 15 ? ? 117.08 108.30 8.78   0.30 N 
54 1 C2    B DC 15 ? ? N3    B DC 15 ? ? C4    B DC 15 ? ? 125.59 119.90 5.69   0.50 N 
55 1 N3    B DC 15 ? ? C4    B DC 15 ? ? C5    B DC 15 ? ? 116.51 121.90 -5.39  0.40 N 
56 1 C5    B DC 15 ? ? C6    B DC 15 ? ? N1    B DC 15 ? ? 124.33 121.00 3.33   0.50 N 
57 1 N3    B DC 15 ? ? C4    B DC 15 ? ? N4    B DC 15 ? ? 124.36 118.00 6.36   0.70 N 
58 1 "O4'" B DG 16 ? ? "C1'" B DG 16 ? ? N9    B DG 16 ? ? 110.95 108.30 2.65   0.30 N 
59 1 "C1'" B DA 17 ? ? "O4'" B DA 17 ? ? "C4'" B DA 17 ? ? 116.14 110.30 5.84   0.70 N 
60 1 "O4'" B DA 17 ? ? "C1'" B DA 17 ? ? N9    B DA 17 ? ? 110.22 108.30 1.92   0.30 N 
61 1 "O4'" B DA 18 ? ? "C4'" B DA 18 ? ? "C3'" B DA 18 ? ? 98.54  104.50 -5.96  0.40 N 
62 1 "C1'" B DA 18 ? ? "O4'" B DA 18 ? ? "C4'" B DA 18 ? ? 116.34 110.30 6.04   0.70 N 
63 1 "O4'" B DA 18 ? ? "C1'" B DA 18 ? ? "C2'" B DA 18 ? ? 100.44 105.90 -5.46  0.80 N 
64 1 "O4'" B DA 18 ? ? "C1'" B DA 18 ? ? N9    B DA 18 ? ? 111.85 108.30 3.55   0.30 N 
65 1 P     B DT 19 ? ? "O5'" B DT 19 ? ? "C5'" B DT 19 ? ? 103.29 120.90 -17.61 1.60 N 
66 1 "O4'" B DT 19 ? ? "C1'" B DT 19 ? ? N1    B DT 19 ? ? 117.19 108.30 8.89   0.30 N 
67 1 N3    B DT 19 ? ? C4    B DT 19 ? ? C5    B DT 19 ? ? 110.86 115.20 -4.34  0.60 N 
68 1 C4    B DT 19 ? ? C5    B DT 19 ? ? C6    B DT 19 ? ? 122.65 118.00 4.65   0.60 N 
69 1 C6    B DT 19 ? ? C5    B DT 19 ? ? C7    B DT 19 ? ? 115.33 122.90 -7.57  0.60 N 
70 1 P     B DT 20 ? ? "O5'" B DT 20 ? ? "C5'" B DT 20 ? ? 110.06 120.90 -10.84 1.60 N 
71 1 "O4'" B DT 20 ? ? "C4'" B DT 20 ? ? "C3'" B DT 20 ? ? 100.49 104.50 -4.01  0.40 N 
72 1 "O4'" B DT 20 ? ? "C1'" B DT 20 ? ? "C2'" B DT 20 ? ? 100.43 105.90 -5.47  0.80 N 
73 1 C2    B DT 20 ? ? N3    B DT 20 ? ? C4    B DT 20 ? ? 123.03 127.20 -4.17  0.60 N 
74 1 C4    B DT 20 ? ? C5    B DT 20 ? ? C6    B DT 20 ? ? 122.11 118.00 4.11   0.60 N 
75 1 C5    B DT 20 ? ? C6    B DT 20 ? ? N1    B DT 20 ? ? 119.86 123.70 -3.84  0.60 N 
76 1 C6    B DT 20 ? ? C5    B DT 20 ? ? C7    B DT 20 ? ? 118.52 122.90 -4.38  0.60 N 
77 1 N1    B DC 21 ? ? C2    B DC 21 ? ? O2    B DC 21 ? ? 124.15 118.90 5.25   0.60 N 
78 1 "O4'" B DG 22 ? ? "C1'" B DG 22 ? ? N9    B DG 22 ? ? 116.82 108.30 8.52   0.30 N 
79 1 "O3'" B DG 22 ? ? P     B DC 23 ? ? "O5'" B DC 23 ? ? 91.40  104.00 -12.60 1.90 Y 
80 1 "O4'" B DC 23 ? ? "C4'" B DC 23 ? ? "C3'" B DC 23 ? ? 110.10 106.00 4.10   0.60 N 
81 1 "C4'" B DC 23 ? ? "C3'" B DC 23 ? ? "C2'" B DC 23 ? ? 97.23  102.20 -4.97  0.70 N 
82 1 "O4'" B DC 23 ? ? "C1'" B DC 23 ? ? N1    B DC 23 ? ? 116.73 108.30 8.43   0.30 N 
83 1 P     B DG 24 ? ? "O5'" B DG 24 ? ? "C5'" B DG 24 ? ? 111.16 120.90 -9.74  1.60 N 
84 1 N9    B DG 24 ? ? "C1'" B DG 24 ? ? "C2'" B DG 24 ? ? 98.83  112.60 -13.77 1.90 N 
85 1 "O4'" B DG 24 ? ? "C1'" B DG 24 ? ? N9    B DG 24 ? ? 119.83 108.30 11.53  0.30 N 
# 
_struct_site_keywords.site_id   1 
_struct_site_keywords.text      'MINOR GROOVE BINDER' 
# 
loop_
_refine_B_iso.class 
_refine_B_iso.details 
_refine_B_iso.treatment 
_refine_B_iso.pdbx_refine_id 
'ALL ATOMS'  TR isotropic 'X-RAY DIFFRACTION' 
'ALL WATERS' TR isotropic 'X-RAY DIFFRACTION' 
# 
loop_
_refine_occupancy.class 
_refine_occupancy.treatment 
_refine_occupancy.pdbx_refine_id 
'ALL ATOMS'  fix 'X-RAY DIFFRACTION' 
'ALL WATERS' fix 'X-RAY DIFFRACTION' 
# 
loop_
_chem_comp_atom.comp_id 
_chem_comp_atom.atom_id 
_chem_comp_atom.type_symbol 
_chem_comp_atom.pdbx_aromatic_flag 
_chem_comp_atom.pdbx_stereo_config 
_chem_comp_atom.pdbx_ordinal 
DA  OP3    O N N 1   
DA  P      P N N 2   
DA  OP1    O N N 3   
DA  OP2    O N N 4   
DA  "O5'"  O N N 5   
DA  "C5'"  C N N 6   
DA  "C4'"  C N R 7   
DA  "O4'"  O N N 8   
DA  "C3'"  C N S 9   
DA  "O3'"  O N N 10  
DA  "C2'"  C N N 11  
DA  "C1'"  C N R 12  
DA  N9     N Y N 13  
DA  C8     C Y N 14  
DA  N7     N Y N 15  
DA  C5     C Y N 16  
DA  C6     C Y N 17  
DA  N6     N N N 18  
DA  N1     N Y N 19  
DA  C2     C Y N 20  
DA  N3     N Y N 21  
DA  C4     C Y N 22  
DA  HOP3   H N N 23  
DA  HOP2   H N N 24  
DA  "H5'"  H N N 25  
DA  "H5''" H N N 26  
DA  "H4'"  H N N 27  
DA  "H3'"  H N N 28  
DA  "HO3'" H N N 29  
DA  "H2'"  H N N 30  
DA  "H2''" H N N 31  
DA  "H1'"  H N N 32  
DA  H8     H N N 33  
DA  H61    H N N 34  
DA  H62    H N N 35  
DA  H2     H N N 36  
DC  OP3    O N N 37  
DC  P      P N N 38  
DC  OP1    O N N 39  
DC  OP2    O N N 40  
DC  "O5'"  O N N 41  
DC  "C5'"  C N N 42  
DC  "C4'"  C N R 43  
DC  "O4'"  O N N 44  
DC  "C3'"  C N S 45  
DC  "O3'"  O N N 46  
DC  "C2'"  C N N 47  
DC  "C1'"  C N R 48  
DC  N1     N N N 49  
DC  C2     C N N 50  
DC  O2     O N N 51  
DC  N3     N N N 52  
DC  C4     C N N 53  
DC  N4     N N N 54  
DC  C5     C N N 55  
DC  C6     C N N 56  
DC  HOP3   H N N 57  
DC  HOP2   H N N 58  
DC  "H5'"  H N N 59  
DC  "H5''" H N N 60  
DC  "H4'"  H N N 61  
DC  "H3'"  H N N 62  
DC  "HO3'" H N N 63  
DC  "H2'"  H N N 64  
DC  "H2''" H N N 65  
DC  "H1'"  H N N 66  
DC  H41    H N N 67  
DC  H42    H N N 68  
DC  H5     H N N 69  
DC  H6     H N N 70  
DG  OP3    O N N 71  
DG  P      P N N 72  
DG  OP1    O N N 73  
DG  OP2    O N N 74  
DG  "O5'"  O N N 75  
DG  "C5'"  C N N 76  
DG  "C4'"  C N R 77  
DG  "O4'"  O N N 78  
DG  "C3'"  C N S 79  
DG  "O3'"  O N N 80  
DG  "C2'"  C N N 81  
DG  "C1'"  C N R 82  
DG  N9     N Y N 83  
DG  C8     C Y N 84  
DG  N7     N Y N 85  
DG  C5     C Y N 86  
DG  C6     C N N 87  
DG  O6     O N N 88  
DG  N1     N N N 89  
DG  C2     C N N 90  
DG  N2     N N N 91  
DG  N3     N N N 92  
DG  C4     C Y N 93  
DG  HOP3   H N N 94  
DG  HOP2   H N N 95  
DG  "H5'"  H N N 96  
DG  "H5''" H N N 97  
DG  "H4'"  H N N 98  
DG  "H3'"  H N N 99  
DG  "HO3'" H N N 100 
DG  "H2'"  H N N 101 
DG  "H2''" H N N 102 
DG  "H1'"  H N N 103 
DG  H8     H N N 104 
DG  H1     H N N 105 
DG  H21    H N N 106 
DG  H22    H N N 107 
DT  OP3    O N N 108 
DT  P      P N N 109 
DT  OP1    O N N 110 
DT  OP2    O N N 111 
DT  "O5'"  O N N 112 
DT  "C5'"  C N N 113 
DT  "C4'"  C N R 114 
DT  "O4'"  O N N 115 
DT  "C3'"  C N S 116 
DT  "O3'"  O N N 117 
DT  "C2'"  C N N 118 
DT  "C1'"  C N R 119 
DT  N1     N N N 120 
DT  C2     C N N 121 
DT  O2     O N N 122 
DT  N3     N N N 123 
DT  C4     C N N 124 
DT  O4     O N N 125 
DT  C5     C N N 126 
DT  C7     C N N 127 
DT  C6     C N N 128 
DT  HOP3   H N N 129 
DT  HOP2   H N N 130 
DT  "H5'"  H N N 131 
DT  "H5''" H N N 132 
DT  "H4'"  H N N 133 
DT  "H3'"  H N N 134 
DT  "HO3'" H N N 135 
DT  "H2'"  H N N 136 
DT  "H2''" H N N 137 
DT  "H1'"  H N N 138 
DT  H3     H N N 139 
DT  H71    H N N 140 
DT  H72    H N N 141 
DT  H73    H N N 142 
DT  H6     H N N 143 
HOH O      O N N 144 
HOH H1     H N N 145 
HOH H2     H N N 146 
PET C1     C Y N 147 
PET C2     C Y N 148 
PET C3     C Y N 149 
PET C4     C Y N 150 
PET C5     C Y N 151 
PET C6     C Y N 152 
PET C7     C N N 153 
PET CA     C N N 154 
PET CB     C N N 155 
PET "C1'"  C Y N 156 
PET "C2'"  C Y N 157 
PET "C3'"  C Y N 158 
PET "C4'"  C Y N 159 
PET "C5'"  C Y N 160 
PET "C6'"  C Y N 161 
PET "C7'"  C N N 162 
PET "CA'"  C N N 163 
PET "CB'"  C N N 164 
PET N1     N N N 165 
PET N2     N N N 166 
PET "N1'"  N N N 167 
PET "N2'"  N N N 168 
PET O1     O N N 169 
PET "O1'"  O N N 170 
PET O2     O N N 171 
PET H2     H N N 172 
PET H3     H N N 173 
PET H5     H N N 174 
PET H6     H N N 175 
PET HA1    H N N 176 
PET HA2    H N N 177 
PET HB1    H N N 178 
PET HB2    H N N 179 
PET "H2'"  H N N 180 
PET "H3'"  H N N 181 
PET "H5'"  H N N 182 
PET "H6'"  H N N 183 
PET "HA'1" H N N 184 
PET "HA'2" H N N 185 
PET "HB'1" H N N 186 
PET "HB'2" H N N 187 
PET HN1    H N N 188 
PET HN21   H N N 189 
PET HN22   H N N 190 
PET "HN1'" H N N 191 
PET "HN'1" H N N 192 
PET "HN'2" H N N 193 
# 
loop_
_chem_comp_bond.comp_id 
_chem_comp_bond.atom_id_1 
_chem_comp_bond.atom_id_2 
_chem_comp_bond.value_order 
_chem_comp_bond.pdbx_aromatic_flag 
_chem_comp_bond.pdbx_stereo_config 
_chem_comp_bond.pdbx_ordinal 
DA  OP3   P      sing N N 1   
DA  OP3   HOP3   sing N N 2   
DA  P     OP1    doub N N 3   
DA  P     OP2    sing N N 4   
DA  P     "O5'"  sing N N 5   
DA  OP2   HOP2   sing N N 6   
DA  "O5'" "C5'"  sing N N 7   
DA  "C5'" "C4'"  sing N N 8   
DA  "C5'" "H5'"  sing N N 9   
DA  "C5'" "H5''" sing N N 10  
DA  "C4'" "O4'"  sing N N 11  
DA  "C4'" "C3'"  sing N N 12  
DA  "C4'" "H4'"  sing N N 13  
DA  "O4'" "C1'"  sing N N 14  
DA  "C3'" "O3'"  sing N N 15  
DA  "C3'" "C2'"  sing N N 16  
DA  "C3'" "H3'"  sing N N 17  
DA  "O3'" "HO3'" sing N N 18  
DA  "C2'" "C1'"  sing N N 19  
DA  "C2'" "H2'"  sing N N 20  
DA  "C2'" "H2''" sing N N 21  
DA  "C1'" N9     sing N N 22  
DA  "C1'" "H1'"  sing N N 23  
DA  N9    C8     sing Y N 24  
DA  N9    C4     sing Y N 25  
DA  C8    N7     doub Y N 26  
DA  C8    H8     sing N N 27  
DA  N7    C5     sing Y N 28  
DA  C5    C6     sing Y N 29  
DA  C5    C4     doub Y N 30  
DA  C6    N6     sing N N 31  
DA  C6    N1     doub Y N 32  
DA  N6    H61    sing N N 33  
DA  N6    H62    sing N N 34  
DA  N1    C2     sing Y N 35  
DA  C2    N3     doub Y N 36  
DA  C2    H2     sing N N 37  
DA  N3    C4     sing Y N 38  
DC  OP3   P      sing N N 39  
DC  OP3   HOP3   sing N N 40  
DC  P     OP1    doub N N 41  
DC  P     OP2    sing N N 42  
DC  P     "O5'"  sing N N 43  
DC  OP2   HOP2   sing N N 44  
DC  "O5'" "C5'"  sing N N 45  
DC  "C5'" "C4'"  sing N N 46  
DC  "C5'" "H5'"  sing N N 47  
DC  "C5'" "H5''" sing N N 48  
DC  "C4'" "O4'"  sing N N 49  
DC  "C4'" "C3'"  sing N N 50  
DC  "C4'" "H4'"  sing N N 51  
DC  "O4'" "C1'"  sing N N 52  
DC  "C3'" "O3'"  sing N N 53  
DC  "C3'" "C2'"  sing N N 54  
DC  "C3'" "H3'"  sing N N 55  
DC  "O3'" "HO3'" sing N N 56  
DC  "C2'" "C1'"  sing N N 57  
DC  "C2'" "H2'"  sing N N 58  
DC  "C2'" "H2''" sing N N 59  
DC  "C1'" N1     sing N N 60  
DC  "C1'" "H1'"  sing N N 61  
DC  N1    C2     sing N N 62  
DC  N1    C6     sing N N 63  
DC  C2    O2     doub N N 64  
DC  C2    N3     sing N N 65  
DC  N3    C4     doub N N 66  
DC  C4    N4     sing N N 67  
DC  C4    C5     sing N N 68  
DC  N4    H41    sing N N 69  
DC  N4    H42    sing N N 70  
DC  C5    C6     doub N N 71  
DC  C5    H5     sing N N 72  
DC  C6    H6     sing N N 73  
DG  OP3   P      sing N N 74  
DG  OP3   HOP3   sing N N 75  
DG  P     OP1    doub N N 76  
DG  P     OP2    sing N N 77  
DG  P     "O5'"  sing N N 78  
DG  OP2   HOP2   sing N N 79  
DG  "O5'" "C5'"  sing N N 80  
DG  "C5'" "C4'"  sing N N 81  
DG  "C5'" "H5'"  sing N N 82  
DG  "C5'" "H5''" sing N N 83  
DG  "C4'" "O4'"  sing N N 84  
DG  "C4'" "C3'"  sing N N 85  
DG  "C4'" "H4'"  sing N N 86  
DG  "O4'" "C1'"  sing N N 87  
DG  "C3'" "O3'"  sing N N 88  
DG  "C3'" "C2'"  sing N N 89  
DG  "C3'" "H3'"  sing N N 90  
DG  "O3'" "HO3'" sing N N 91  
DG  "C2'" "C1'"  sing N N 92  
DG  "C2'" "H2'"  sing N N 93  
DG  "C2'" "H2''" sing N N 94  
DG  "C1'" N9     sing N N 95  
DG  "C1'" "H1'"  sing N N 96  
DG  N9    C8     sing Y N 97  
DG  N9    C4     sing Y N 98  
DG  C8    N7     doub Y N 99  
DG  C8    H8     sing N N 100 
DG  N7    C5     sing Y N 101 
DG  C5    C6     sing N N 102 
DG  C5    C4     doub Y N 103 
DG  C6    O6     doub N N 104 
DG  C6    N1     sing N N 105 
DG  N1    C2     sing N N 106 
DG  N1    H1     sing N N 107 
DG  C2    N2     sing N N 108 
DG  C2    N3     doub N N 109 
DG  N2    H21    sing N N 110 
DG  N2    H22    sing N N 111 
DG  N3    C4     sing N N 112 
DT  OP3   P      sing N N 113 
DT  OP3   HOP3   sing N N 114 
DT  P     OP1    doub N N 115 
DT  P     OP2    sing N N 116 
DT  P     "O5'"  sing N N 117 
DT  OP2   HOP2   sing N N 118 
DT  "O5'" "C5'"  sing N N 119 
DT  "C5'" "C4'"  sing N N 120 
DT  "C5'" "H5'"  sing N N 121 
DT  "C5'" "H5''" sing N N 122 
DT  "C4'" "O4'"  sing N N 123 
DT  "C4'" "C3'"  sing N N 124 
DT  "C4'" "H4'"  sing N N 125 
DT  "O4'" "C1'"  sing N N 126 
DT  "C3'" "O3'"  sing N N 127 
DT  "C3'" "C2'"  sing N N 128 
DT  "C3'" "H3'"  sing N N 129 
DT  "O3'" "HO3'" sing N N 130 
DT  "C2'" "C1'"  sing N N 131 
DT  "C2'" "H2'"  sing N N 132 
DT  "C2'" "H2''" sing N N 133 
DT  "C1'" N1     sing N N 134 
DT  "C1'" "H1'"  sing N N 135 
DT  N1    C2     sing N N 136 
DT  N1    C6     sing N N 137 
DT  C2    O2     doub N N 138 
DT  C2    N3     sing N N 139 
DT  N3    C4     sing N N 140 
DT  N3    H3     sing N N 141 
DT  C4    O4     doub N N 142 
DT  C4    C5     sing N N 143 
DT  C5    C7     sing N N 144 
DT  C5    C6     doub N N 145 
DT  C7    H71    sing N N 146 
DT  C7    H72    sing N N 147 
DT  C7    H73    sing N N 148 
DT  C6    H6     sing N N 149 
HOH O     H1     sing N N 150 
HOH O     H2     sing N N 151 
PET C1    C2     doub Y N 152 
PET C1    C6     sing Y N 153 
PET C1    O1     sing N N 154 
PET C2    C3     sing Y N 155 
PET C2    H2     sing N N 156 
PET C3    C4     doub Y N 157 
PET C3    H3     sing N N 158 
PET C4    C5     sing Y N 159 
PET C4    C7     sing N N 160 
PET C5    C6     doub Y N 161 
PET C5    H5     sing N N 162 
PET C6    H6     sing N N 163 
PET C7    N1     doub N N 164 
PET C7    N2     sing N N 165 
PET CA    CB     sing N N 166 
PET CA    O1     sing N N 167 
PET CA    HA1    sing N N 168 
PET CA    HA2    sing N N 169 
PET CB    O2     sing N N 170 
PET CB    HB1    sing N N 171 
PET CB    HB2    sing N N 172 
PET "C1'" "C2'"  doub Y N 173 
PET "C1'" "C6'"  sing Y N 174 
PET "C1'" "O1'"  sing N N 175 
PET "C2'" "C3'"  sing Y N 176 
PET "C2'" "H2'"  sing N N 177 
PET "C3'" "C4'"  doub Y N 178 
PET "C3'" "H3'"  sing N N 179 
PET "C4'" "C5'"  sing Y N 180 
PET "C4'" "C7'"  sing N N 181 
PET "C5'" "C6'"  doub Y N 182 
PET "C5'" "H5'"  sing N N 183 
PET "C6'" "H6'"  sing N N 184 
PET "C7'" "N1'"  doub N E 185 
PET "C7'" "N2'"  sing N N 186 
PET "CA'" "CB'"  sing N N 187 
PET "CA'" "O1'"  sing N N 188 
PET "CA'" "HA'1" sing N N 189 
PET "CA'" "HA'2" sing N N 190 
PET "CB'" O2     sing N N 191 
PET "CB'" "HB'1" sing N N 192 
PET "CB'" "HB'2" sing N N 193 
PET N1    HN1    sing N N 194 
PET N2    HN21   sing N N 195 
PET N2    HN22   sing N N 196 
PET "N1'" "HN1'" sing N N 197 
PET "N2'" "HN'1" sing N N 198 
PET "N2'" "HN'2" sing N N 199 
# 
_ndb_struct_conf_na.entry_id   166D 
_ndb_struct_conf_na.feature    'b-form double helix' 
# 
loop_
_ndb_struct_na_base_pair.model_number 
_ndb_struct_na_base_pair.i_label_asym_id 
_ndb_struct_na_base_pair.i_label_comp_id 
_ndb_struct_na_base_pair.i_label_seq_id 
_ndb_struct_na_base_pair.i_symmetry 
_ndb_struct_na_base_pair.j_label_asym_id 
_ndb_struct_na_base_pair.j_label_comp_id 
_ndb_struct_na_base_pair.j_label_seq_id 
_ndb_struct_na_base_pair.j_symmetry 
_ndb_struct_na_base_pair.shear 
_ndb_struct_na_base_pair.stretch 
_ndb_struct_na_base_pair.stagger 
_ndb_struct_na_base_pair.buckle 
_ndb_struct_na_base_pair.propeller 
_ndb_struct_na_base_pair.opening 
_ndb_struct_na_base_pair.pair_number 
_ndb_struct_na_base_pair.pair_name 
_ndb_struct_na_base_pair.i_auth_asym_id 
_ndb_struct_na_base_pair.i_auth_seq_id 
_ndb_struct_na_base_pair.i_PDB_ins_code 
_ndb_struct_na_base_pair.j_auth_asym_id 
_ndb_struct_na_base_pair.j_auth_seq_id 
_ndb_struct_na_base_pair.j_PDB_ins_code 
_ndb_struct_na_base_pair.hbond_type_28 
_ndb_struct_na_base_pair.hbond_type_12 
1 A DC 1  1_555 B DG 12 1_555 0.115  -0.107 -0.124 8.950  -11.784 -1.197 1  A_DC1:DG24_B  A 1  ? B 24 ? 19 1 
1 A DG 2  1_555 B DC 11 1_555 -0.322 -0.375 0.227  -2.550 -12.619 -6.523 2  A_DG2:DC23_B  A 2  ? B 23 ? 19 1 
1 A DC 3  1_555 B DG 10 1_555 0.179  -0.305 -0.009 -3.915 -6.686  1.618  3  A_DC3:DG22_B  A 3  ? B 22 ? 19 1 
1 A DG 4  1_555 B DC 9  1_555 -0.126 -0.234 0.169  9.471  -9.558  -0.747 4  A_DG4:DC21_B  A 4  ? B 21 ? 19 1 
1 A DA 5  1_555 B DT 8  1_555 0.126  -0.166 -0.277 1.308  -15.344 -0.088 5  A_DA5:DT20_B  A 5  ? B 20 ? 20 1 
1 A DA 6  1_555 B DT 7  1_555 0.140  -0.011 0.062  1.299  -18.727 6.540  6  A_DA6:DT19_B  A 6  ? B 19 ? 20 1 
1 A DT 7  1_555 B DA 6  1_555 0.033  -0.171 0.161  0.635  -18.515 2.184  7  A_DT7:DA18_B  A 7  ? B 18 ? 20 1 
1 A DT 8  1_555 B DA 5  1_555 -0.188 -0.186 -0.065 0.159  -14.541 1.703  8  A_DT8:DA17_B  A 8  ? B 17 ? 20 1 
1 A DC 9  1_555 B DG 4  1_555 -0.084 -0.148 -0.075 -5.886 -14.246 -1.925 9  A_DC9:DG16_B  A 9  ? B 16 ? 19 1 
1 A DG 10 1_555 B DC 3  1_555 -0.102 -0.306 0.362  4.002  -4.018  -2.868 10 A_DG10:DC15_B A 10 ? B 15 ? 19 1 
1 A DC 11 1_555 B DG 2  1_555 0.112  -0.274 0.696  -1.689 -19.804 -4.472 11 A_DC11:DG14_B A 11 ? B 14 ? 19 1 
1 A DG 12 1_555 B DC 1  1_555 -0.245 -0.293 -0.077 2.659  12.535  -8.169 12 A_DG12:DC13_B A 12 ? B 13 ? 19 1 
# 
loop_
_ndb_struct_na_base_pair_step.model_number 
_ndb_struct_na_base_pair_step.i_label_asym_id_1 
_ndb_struct_na_base_pair_step.i_label_comp_id_1 
_ndb_struct_na_base_pair_step.i_label_seq_id_1 
_ndb_struct_na_base_pair_step.i_symmetry_1 
_ndb_struct_na_base_pair_step.j_label_asym_id_1 
_ndb_struct_na_base_pair_step.j_label_comp_id_1 
_ndb_struct_na_base_pair_step.j_label_seq_id_1 
_ndb_struct_na_base_pair_step.j_symmetry_1 
_ndb_struct_na_base_pair_step.i_label_asym_id_2 
_ndb_struct_na_base_pair_step.i_label_comp_id_2 
_ndb_struct_na_base_pair_step.i_label_seq_id_2 
_ndb_struct_na_base_pair_step.i_symmetry_2 
_ndb_struct_na_base_pair_step.j_label_asym_id_2 
_ndb_struct_na_base_pair_step.j_label_comp_id_2 
_ndb_struct_na_base_pair_step.j_label_seq_id_2 
_ndb_struct_na_base_pair_step.j_symmetry_2 
_ndb_struct_na_base_pair_step.shift 
_ndb_struct_na_base_pair_step.slide 
_ndb_struct_na_base_pair_step.rise 
_ndb_struct_na_base_pair_step.tilt 
_ndb_struct_na_base_pair_step.roll 
_ndb_struct_na_base_pair_step.twist 
_ndb_struct_na_base_pair_step.x_displacement 
_ndb_struct_na_base_pair_step.y_displacement 
_ndb_struct_na_base_pair_step.helical_rise 
_ndb_struct_na_base_pair_step.inclination 
_ndb_struct_na_base_pair_step.tip 
_ndb_struct_na_base_pair_step.helical_twist 
_ndb_struct_na_base_pair_step.step_number 
_ndb_struct_na_base_pair_step.step_name 
_ndb_struct_na_base_pair_step.i_auth_asym_id_1 
_ndb_struct_na_base_pair_step.i_auth_seq_id_1 
_ndb_struct_na_base_pair_step.i_PDB_ins_code_1 
_ndb_struct_na_base_pair_step.j_auth_asym_id_1 
_ndb_struct_na_base_pair_step.j_auth_seq_id_1 
_ndb_struct_na_base_pair_step.j_PDB_ins_code_1 
_ndb_struct_na_base_pair_step.i_auth_asym_id_2 
_ndb_struct_na_base_pair_step.i_auth_seq_id_2 
_ndb_struct_na_base_pair_step.i_PDB_ins_code_2 
_ndb_struct_na_base_pair_step.j_auth_asym_id_2 
_ndb_struct_na_base_pair_step.j_auth_seq_id_2 
_ndb_struct_na_base_pair_step.j_PDB_ins_code_2 
1 A DC 1  1_555 B DG 12 1_555 A DG 2  1_555 B DC 11 1_555 -0.439 0.236  3.686 -3.488 6.601   38.353 -0.554 0.177  3.700 9.933   
5.248   39.046 1  AA_DC1DG2:DC23DG24_BB   A 1  ? B 24 ? A 2  ? B 23 ? 
1 A DG 2  1_555 B DC 11 1_555 A DC 3  1_555 B DG 10 1_555 0.695  0.414  3.482 2.875  -5.348  38.358 1.317  -0.673 3.437 -8.077  
-4.342  38.818 2  AA_DG2DC3:DG22DC23_BB   A 2  ? B 23 ? A 3  ? B 22 ? 
1 A DC 3  1_555 B DG 10 1_555 A DG 4  1_555 B DC 9  1_555 -0.122 0.881  3.085 0.170  8.728   27.126 -0.178 0.286  3.206 18.026  
-0.351  28.471 3  AA_DC3DG4:DC21DG22_BB   A 3  ? B 22 ? A 4  ? B 21 ? 
1 A DG 4  1_555 B DC 9  1_555 A DA 5  1_555 B DT 8  1_555 -0.255 -0.034 3.539 2.515  4.937   38.856 -0.687 0.703  3.486 7.375   
-3.758  39.234 4  AA_DG4DA5:DT20DC21_BB   A 4  ? B 21 ? A 5  ? B 20 ? 
1 A DA 5  1_555 B DT 8  1_555 A DA 6  1_555 B DT 7  1_555 0.239  -0.285 3.219 -3.549 3.525   35.985 -0.938 -0.867 3.141 5.672   
5.711   36.319 5  AA_DA5DA6:DT19DT20_BB   A 5  ? B 20 ? A 6  ? B 19 ? 
1 A DA 6  1_555 B DT 7  1_555 A DT 7  1_555 B DA 6  1_555 0.034  -0.538 3.299 0.129  -2.610  31.019 -0.497 -0.038 3.332 -4.869  
-0.240  31.126 6  AA_DA6DT7:DA18DT19_BB   A 6  ? B 19 ? A 7  ? B 18 ? 
1 A DT 7  1_555 B DA 6  1_555 A DT 8  1_555 B DA 5  1_555 -0.144 -0.259 3.282 3.770  2.180   34.252 -0.774 0.826  3.226 3.683   
-6.369  34.520 7  AA_DT7DT8:DA17DA18_BB   A 7  ? B 18 ? A 8  ? B 17 ? 
1 A DT 8  1_555 B DA 5  1_555 A DC 9  1_555 B DG 4  1_555 -0.131 0.236  3.392 -0.491 -0.878  40.097 0.448  0.133  3.387 -1.280  
0.716   40.109 8  AA_DT8DC9:DG16DA17_BB   A 8  ? B 17 ? A 9  ? B 16 ? 
1 A DC 9  1_555 B DG 4  1_555 A DG 10 1_555 B DC 3  1_555 0.267  1.045  3.366 -4.253 3.291   32.061 1.269  -1.251 3.391 5.907   
7.633   32.497 9  AA_DC9DG10:DC15DG16_BB  A 9  ? B 16 ? A 10 ? B 15 ? 
1 A DG 10 1_555 B DC 3  1_555 A DC 11 1_555 B DG 2  1_555 -1.331 0.389  3.636 -6.084 -12.570 40.381 1.962  1.140  3.524 -17.585 
8.512   42.632 10 AA_DG10DC11:DG14DC15_BB A 10 ? B 15 ? A 11 ? B 14 ? 
1 A DC 11 1_555 B DG 2  1_555 A DG 12 1_555 B DC 1  1_555 1.011  0.025  3.507 8.426  -8.874  34.454 1.403  -0.320 3.537 -14.429 
-13.700 36.501 11 AA_DC11DG12:DC13DG14_BB A 11 ? B 14 ? A 12 ? B 13 ? 
# 
_atom_sites.entry_id                    166D 
_atom_sites.fract_transf_matrix[1][1]   0.03927663 
_atom_sites.fract_transf_matrix[1][2]   -0.00506630 
_atom_sites.fract_transf_matrix[1][3]   -0.00849063 
_atom_sites.fract_transf_matrix[2][1]   -0.00341032 
_atom_sites.fract_transf_matrix[2][2]   -0.02453302 
_atom_sites.fract_transf_matrix[2][3]   -0.00113704 
_atom_sites.fract_transf_matrix[3][1]   -0.00303413 
_atom_sites.fract_transf_matrix[3][2]   0.00110278 
_atom_sites.fract_transf_matrix[3][3]   -0.01469353 
_atom_sites.fract_transf_vector[1]      0.377843 
_atom_sites.fract_transf_vector[2]      0.580228 
_atom_sites.fract_transf_vector[3]      0.114771 
# 
loop_
_atom_type.symbol 
C 
N 
O 
P 
# 
loop_
_atom_site.group_PDB 
_atom_site.id 
_atom_site.type_symbol 
_atom_site.label_atom_id 
_atom_site.label_alt_id 
_atom_site.label_comp_id 
_atom_site.label_asym_id 
_atom_site.label_entity_id 
_atom_site.label_seq_id 
_atom_site.pdbx_PDB_ins_code 
_atom_site.Cartn_x 
_atom_site.Cartn_y 
_atom_site.Cartn_z 
_atom_site.occupancy 
_atom_site.B_iso_or_equiv 
_atom_site.pdbx_formal_charge 
_atom_site.auth_seq_id 
_atom_site.auth_comp_id 
_atom_site.auth_asym_id 
_atom_site.auth_atom_id 
_atom_site.pdbx_PDB_model_num 
ATOM   1   O "O5'" . DC  A 1 1  ? 4.275  -10.236 -19.309 1.00 31.86 ? 1  DC  A "O5'" 1 
ATOM   2   C "C5'" . DC  A 1 1  ? 5.689  -10.113 -19.110 1.00 30.03 ? 1  DC  A "C5'" 1 
ATOM   3   C "C4'" . DC  A 1 1  ? 6.217  -8.711  -19.221 1.00 28.17 ? 1  DC  A "C4'" 1 
ATOM   4   O "O4'" . DC  A 1 1  ? 5.233  -7.654  -19.385 1.00 25.57 ? 1  DC  A "O4'" 1 
ATOM   5   C "C3'" . DC  A 1 1  ? 6.650  -8.439  -17.809 1.00 27.86 ? 1  DC  A "C3'" 1 
ATOM   6   O "O3'" . DC  A 1 1  ? 7.951  -7.953  -17.920 1.00 31.03 ? 1  DC  A "O3'" 1 
ATOM   7   C "C2'" . DC  A 1 1  ? 5.646  -7.498  -17.197 1.00 24.84 ? 1  DC  A "C2'" 1 
ATOM   8   C "C1'" . DC  A 1 1  ? 5.324  -6.689  -18.365 1.00 22.74 ? 1  DC  A "C1'" 1 
ATOM   9   N N1    . DC  A 1 1  ? 4.051  -5.898  -18.458 1.00 19.30 ? 1  DC  A N1    1 
ATOM   10  C C2    . DC  A 1 1  ? 4.152  -4.713  -19.129 1.00 16.20 ? 1  DC  A C2    1 
ATOM   11  O O2    . DC  A 1 1  ? 5.213  -4.324  -19.577 1.00 16.87 ? 1  DC  A O2    1 
ATOM   12  N N3    . DC  A 1 1  ? 3.075  -3.942  -19.290 1.00 13.64 ? 1  DC  A N3    1 
ATOM   13  C C4    . DC  A 1 1  ? 1.910  -4.291  -18.799 1.00 13.84 ? 1  DC  A C4    1 
ATOM   14  N N4    . DC  A 1 1  ? 0.855  -3.478  -18.952 1.00 14.73 ? 1  DC  A N4    1 
ATOM   15  C C5    . DC  A 1 1  ? 1.767  -5.516  -18.085 1.00 15.30 ? 1  DC  A C5    1 
ATOM   16  C C6    . DC  A 1 1  ? 2.860  -6.278  -17.942 1.00 16.89 ? 1  DC  A C6    1 
ATOM   17  P P     . DG  A 1 2  ? 9.027  -8.179  -16.740 1.00 33.37 ? 2  DG  A P     1 
ATOM   18  O OP1   . DG  A 1 2  ? 9.682  -9.494  -16.989 1.00 35.49 ? 2  DG  A OP1   1 
ATOM   19  O OP2   . DG  A 1 2  ? 8.380  -7.919  -15.433 1.00 33.77 ? 2  DG  A OP2   1 
ATOM   20  O "O5'" . DG  A 1 2  ? 10.029 -7.020  -17.113 1.00 31.52 ? 2  DG  A "O5'" 1 
ATOM   21  C "C5'" . DG  A 1 2  ? 9.472  -5.931  -17.851 1.00 28.90 ? 2  DG  A "C5'" 1 
ATOM   22  C "C4'" . DG  A 1 2  ? 10.037 -4.637  -17.503 1.00 26.44 ? 2  DG  A "C4'" 1 
ATOM   23  O "O4'" . DG  A 1 2  ? 8.956  -3.701  -17.650 1.00 26.11 ? 2  DG  A "O4'" 1 
ATOM   24  C "C3'" . DG  A 1 2  ? 10.502 -4.578  -16.073 1.00 25.92 ? 2  DG  A "C3'" 1 
ATOM   25  O "O3'" . DG  A 1 2  ? 11.439 -3.533  -15.987 1.00 27.63 ? 2  DG  A "O3'" 1 
ATOM   26  C "C2'" . DG  A 1 2  ? 9.234  -4.192  -15.429 1.00 23.38 ? 2  DG  A "C2'" 1 
ATOM   27  C "C1'" . DG  A 1 2  ? 8.621  -3.236  -16.377 1.00 21.78 ? 2  DG  A "C1'" 1 
ATOM   28  N N9    . DG  A 1 2  ? 7.196  -3.186  -16.228 1.00 17.84 ? 2  DG  A N9    1 
ATOM   29  C C8    . DG  A 1 2  ? 6.386  -4.154  -15.720 1.00 16.90 ? 2  DG  A C8    1 
ATOM   30  N N7    . DG  A 1 2  ? 5.137  -3.811  -15.682 1.00 15.71 ? 2  DG  A N7    1 
ATOM   31  C C5    . DG  A 1 2  ? 5.118  -2.526  -16.200 1.00 14.09 ? 2  DG  A C5    1 
ATOM   32  C C6    . DG  A 1 2  ? 4.003  -1.688  -16.364 1.00 12.08 ? 2  DG  A C6    1 
ATOM   33  O O6    . DG  A 1 2  ? 2.839  -2.004  -16.094 1.00 11.46 ? 2  DG  A O6    1 
ATOM   34  N N1    . DG  A 1 2  ? 4.366  -0.465  -16.888 1.00 9.54  ? 2  DG  A N1    1 
ATOM   35  C C2    . DG  A 1 2  ? 5.641  -0.074  -17.224 1.00 10.72 ? 2  DG  A C2    1 
ATOM   36  N N2    . DG  A 1 2  ? 5.798  1.169   -17.725 1.00 8.78  ? 2  DG  A N2    1 
ATOM   37  N N3    . DG  A 1 2  ? 6.706  -0.885  -17.066 1.00 12.79 ? 2  DG  A N3    1 
ATOM   38  C C4    . DG  A 1 2  ? 6.367  -2.106  -16.545 1.00 15.40 ? 2  DG  A C4    1 
ATOM   39  P P     . DC  A 1 3  ? 12.570 -3.295  -14.836 1.00 30.34 ? 3  DC  A P     1 
ATOM   40  O OP1   . DC  A 1 3  ? 13.817 -3.894  -15.407 1.00 30.05 ? 3  DC  A OP1   1 
ATOM   41  O OP2   . DC  A 1 3  ? 12.034 -3.716  -13.506 1.00 28.66 ? 3  DC  A OP2   1 
ATOM   42  O "O5'" . DC  A 1 3  ? 12.658 -1.692  -14.844 1.00 27.70 ? 3  DC  A "O5'" 1 
ATOM   43  C "C5'" . DC  A 1 3  ? 11.368 -1.205  -14.686 1.00 25.84 ? 3  DC  A "C5'" 1 
ATOM   44  C "C4'" . DC  A 1 3  ? 11.198 0.156   -15.088 1.00 23.94 ? 3  DC  A "C4'" 1 
ATOM   45  O "O4'" . DC  A 1 3  ? 9.802  0.261   -15.368 1.00 21.01 ? 3  DC  A "O4'" 1 
ATOM   46  C "C3'" . DC  A 1 3  ? 11.452 1.087   -13.961 1.00 25.22 ? 3  DC  A "C3'" 1 
ATOM   47  O "O3'" . DC  A 1 3  ? 12.044 2.365   -14.163 1.00 28.40 ? 3  DC  A "O3'" 1 
ATOM   48  C "C2'" . DC  A 1 3  ? 10.097 1.278   -13.393 1.00 23.08 ? 3  DC  A "C2'" 1 
ATOM   49  C "C1'" . DC  A 1 3  ? 9.083  0.994   -14.417 1.00 18.50 ? 3  DC  A "C1'" 1 
ATOM   50  N N1    . DC  A 1 3  ? 8.055  0.127   -13.856 1.00 14.73 ? 3  DC  A N1    1 
ATOM   51  C C2    . DC  A 1 3  ? 6.793  0.533   -13.945 1.00 12.79 ? 3  DC  A C2    1 
ATOM   52  O O2    . DC  A 1 3  ? 6.540  1.599   -14.464 1.00 12.20 ? 3  DC  A O2    1 
ATOM   53  N N3    . DC  A 1 3  ? 5.823  -0.256  -13.446 1.00 11.87 ? 3  DC  A N3    1 
ATOM   54  C C4    . DC  A 1 3  ? 6.062  -1.424  -12.867 1.00 12.31 ? 3  DC  A C4    1 
ATOM   55  N N4    . DC  A 1 3  ? 5.045  -2.160  -12.406 1.00 12.06 ? 3  DC  A N4    1 
ATOM   56  C C5    . DC  A 1 3  ? 7.393  -1.871  -12.756 1.00 12.76 ? 3  DC  A C5    1 
ATOM   57  C C6    . DC  A 1 3  ? 8.342  -1.052  -13.271 1.00 13.40 ? 3  DC  A C6    1 
ATOM   58  P P     . DG  A 1 4  ? 12.816 2.801   -12.774 1.00 29.49 ? 4  DG  A P     1 
ATOM   59  O OP1   . DG  A 1 4  ? 14.007 3.611   -13.110 1.00 30.92 ? 4  DG  A OP1   1 
ATOM   60  O OP2   . DG  A 1 4  ? 12.887 1.715   -11.766 1.00 29.69 ? 4  DG  A OP2   1 
ATOM   61  O "O5'" . DG  A 1 4  ? 11.716 3.753   -12.284 1.00 28.97 ? 4  DG  A "O5'" 1 
ATOM   62  C "C5'" . DG  A 1 4  ? 11.518 4.820   -13.197 1.00 27.29 ? 4  DG  A "C5'" 1 
ATOM   63  C "C4'" . DG  A 1 4  ? 10.420 5.740   -12.788 1.00 26.25 ? 4  DG  A "C4'" 1 
ATOM   64  O "O4'" . DG  A 1 4  ? 9.180  5.034   -12.715 1.00 23.62 ? 4  DG  A "O4'" 1 
ATOM   65  C "C3'" . DG  A 1 4  ? 10.711 6.320   -11.423 1.00 26.93 ? 4  DG  A "C3'" 1 
ATOM   66  O "O3'" . DG  A 1 4  ? 10.039 7.552   -11.436 1.00 30.50 ? 4  DG  A "O3'" 1 
ATOM   67  C "C2'" . DG  A 1 4  ? 10.049 5.314   -10.549 1.00 24.92 ? 4  DG  A "C2'" 1 
ATOM   68  C "C1'" . DG  A 1 4  ? 8.833  4.916   -11.379 1.00 22.23 ? 4  DG  A "C1'" 1 
ATOM   69  N N9    . DG  A 1 4  ? 8.449  3.561   -10.992 1.00 19.88 ? 4  DG  A N9    1 
ATOM   70  C C8    . DG  A 1 4  ? 9.201  2.479   -10.565 1.00 19.88 ? 4  DG  A C8    1 
ATOM   71  N N7    . DG  A 1 4  ? 8.503  1.429   -10.255 1.00 18.15 ? 4  DG  A N7    1 
ATOM   72  C C5    . DG  A 1 4  ? 7.205  1.882   -10.500 1.00 17.75 ? 4  DG  A C5    1 
ATOM   73  C C6    . DG  A 1 4  ? 6.000  1.217   -10.342 1.00 17.78 ? 4  DG  A C6    1 
ATOM   74  O O6    . DG  A 1 4  ? 5.928  0.056   -9.969  1.00 21.09 ? 4  DG  A O6    1 
ATOM   75  N N1    . DG  A 1 4  ? 4.870  1.989   -10.676 1.00 15.97 ? 4  DG  A N1    1 
ATOM   76  C C2    . DG  A 1 4  ? 4.939  3.290   -11.121 1.00 15.96 ? 4  DG  A C2    1 
ATOM   77  N N2    . DG  A 1 4  ? 3.868  3.987   -11.422 1.00 13.99 ? 4  DG  A N2    1 
ATOM   78  N N3    . DG  A 1 4  ? 6.090  3.908   -11.265 1.00 17.20 ? 4  DG  A N3    1 
ATOM   79  C C4    . DG  A 1 4  ? 7.172  3.157   -10.942 1.00 17.68 ? 4  DG  A C4    1 
ATOM   80  P P     . DA  A 1 5  ? 10.218 8.643   -10.309 1.00 32.42 ? 5  DA  A P     1 
ATOM   81  O OP1   . DA  A 1 5  ? 10.613 9.875   -11.040 1.00 32.43 ? 5  DA  A OP1   1 
ATOM   82  O OP2   . DA  A 1 5  ? 11.012 8.064   -9.177  1.00 31.20 ? 5  DA  A OP2   1 
ATOM   83  O "O5'" . DA  A 1 5  ? 8.708  8.853   -9.784  1.00 30.07 ? 5  DA  A "O5'" 1 
ATOM   84  C "C5'" . DA  A 1 5  ? 7.748  9.372   -10.678 1.00 26.30 ? 5  DA  A "C5'" 1 
ATOM   85  C "C4'" . DA  A 1 5  ? 6.336  9.262   -10.154 1.00 24.89 ? 5  DA  A "C4'" 1 
ATOM   86  O "O4'" . DA  A 1 5  ? 5.902  7.903   -9.901  1.00 23.22 ? 5  DA  A "O4'" 1 
ATOM   87  C "C3'" . DA  A 1 5  ? 6.334  9.893   -8.808  1.00 25.14 ? 5  DA  A "C3'" 1 
ATOM   88  O "O3'" . DA  A 1 5  ? 5.077  10.551  -8.778  1.00 26.82 ? 5  DA  A "O3'" 1 
ATOM   89  C "C2'" . DA  A 1 5  ? 6.511  8.675   -7.914  1.00 23.17 ? 5  DA  A "C2'" 1 
ATOM   90  C "C1'" . DA  A 1 5  ? 5.683  7.614   -8.559  1.00 21.10 ? 5  DA  A "C1'" 1 
ATOM   91  N N9    . DA  A 1 5  ? 6.150  6.285   -8.202  1.00 19.09 ? 5  DA  A N9    1 
ATOM   92  C C8    . DA  A 1 5  ? 7.437  5.856   -8.014  1.00 19.05 ? 5  DA  A C8    1 
ATOM   93  N N7    . DA  A 1 5  ? 7.544  4.598   -7.691  1.00 18.25 ? 5  DA  A N7    1 
ATOM   94  C C5    . DA  A 1 5  ? 6.235  4.139   -7.653  1.00 18.26 ? 5  DA  A C5    1 
ATOM   95  C C6    . DA  A 1 5  ? 5.676  2.863   -7.368  1.00 18.99 ? 5  DA  A C6    1 
ATOM   96  N N6    . DA  A 1 5  ? 6.417  1.804   -7.060  1.00 18.95 ? 5  DA  A N6    1 
ATOM   97  N N1    . DA  A 1 5  ? 4.322  2.753   -7.423  1.00 19.96 ? 5  DA  A N1    1 
ATOM   98  C C2    . DA  A 1 5  ? 3.595  3.843   -7.747  1.00 17.56 ? 5  DA  A C2    1 
ATOM   99  N N3    . DA  A 1 5  ? 3.987  5.076   -8.031  1.00 18.11 ? 5  DA  A N3    1 
ATOM   100 C C4    . DA  A 1 5  ? 5.364  5.164   -7.965  1.00 18.36 ? 5  DA  A C4    1 
ATOM   101 P P     . DA  A 1 6  ? 4.529  11.440  -7.586  1.00 28.76 ? 6  DA  A P     1 
ATOM   102 O OP1   . DA  A 1 6  ? 3.751  12.513  -8.241  1.00 28.56 ? 6  DA  A OP1   1 
ATOM   103 O OP2   . DA  A 1 6  ? 5.632  11.722  -6.605  1.00 29.57 ? 6  DA  A OP2   1 
ATOM   104 O "O5'" . DA  A 1 6  ? 3.500  10.442  -6.816  1.00 28.03 ? 6  DA  A "O5'" 1 
ATOM   105 C "C5'" . DA  A 1 6  ? 2.233  10.084  -7.379  1.00 23.67 ? 6  DA  A "C5'" 1 
ATOM   106 C "C4'" . DA  A 1 6  ? 1.421  9.059   -6.668  1.00 20.65 ? 6  DA  A "C4'" 1 
ATOM   107 O "O4'" . DA  A 1 6  ? 2.167  7.858   -6.452  1.00 20.44 ? 6  DA  A "O4'" 1 
ATOM   108 C "C3'" . DA  A 1 6  ? 1.208  9.511   -5.293  1.00 19.86 ? 6  DA  A "C3'" 1 
ATOM   109 O "O3'" . DA  A 1 6  ? -0.094 9.142   -4.945  1.00 22.68 ? 6  DA  A "O3'" 1 
ATOM   110 C "C2'" . DA  A 1 6  ? 2.247  8.839   -4.428  1.00 18.46 ? 6  DA  A "C2'" 1 
ATOM   111 C "C1'" . DA  A 1 6  ? 2.283  7.508   -5.039  1.00 17.24 ? 6  DA  A "C1'" 1 
ATOM   112 N N9    . DA  A 1 6  ? 3.512  6.750   -4.841  1.00 13.92 ? 6  DA  A N9    1 
ATOM   113 C C8    . DA  A 1 6  ? 4.783  7.232   -4.901  1.00 13.09 ? 6  DA  A C8    1 
ATOM   114 N N7    . DA  A 1 6  ? 5.684  6.295   -4.671  1.00 14.34 ? 6  DA  A N7    1 
ATOM   115 C C5    . DA  A 1 6  ? 4.959  5.083   -4.441  1.00 11.84 ? 6  DA  A C5    1 
ATOM   116 C C6    . DA  A 1 6  ? 5.322  3.738   -4.150  1.00 11.28 ? 6  DA  A C6    1 
ATOM   117 N N6    . DA  A 1 6  ? 6.568  3.295   -4.031  1.00 10.87 ? 6  DA  A N6    1 
ATOM   118 N N1    . DA  A 1 6  ? 4.370  2.834   -3.995  1.00 10.90 ? 6  DA  A N1    1 
ATOM   119 C C2    . DA  A 1 6  ? 3.116  3.221   -4.111  1.00 11.88 ? 6  DA  A C2    1 
ATOM   120 N N3    . DA  A 1 6  ? 2.637  4.430   -4.375  1.00 13.77 ? 6  DA  A N3    1 
ATOM   121 C C4    . DA  A 1 6  ? 3.628  5.357   -4.540  1.00 13.35 ? 6  DA  A C4    1 
ATOM   122 P P     . DT  A 1 7  ? -0.703 9.833   -3.692  1.00 24.55 ? 7  DT  A P     1 
ATOM   123 O OP1   . DT  A 1 7  ? -2.148 10.099  -3.880  1.00 24.32 ? 7  DT  A OP1   1 
ATOM   124 O OP2   . DT  A 1 7  ? 0.277  10.879  -3.355  1.00 25.48 ? 7  DT  A OP2   1 
ATOM   125 O "O5'" . DT  A 1 7  ? -0.544 8.715   -2.660  1.00 23.96 ? 7  DT  A "O5'" 1 
ATOM   126 C "C5'" . DT  A 1 7  ? -1.358 7.641   -3.032  1.00 21.31 ? 7  DT  A "C5'" 1 
ATOM   127 C "C4'" . DT  A 1 7  ? -1.187 6.349   -2.283  1.00 21.48 ? 7  DT  A "C4'" 1 
ATOM   128 O "O4'" . DT  A 1 7  ? 0.179  5.809   -2.342  1.00 20.36 ? 7  DT  A "O4'" 1 
ATOM   129 C "C3'" . DT  A 1 7  ? -1.375 6.687   -0.841  1.00 22.08 ? 7  DT  A "C3'" 1 
ATOM   130 O "O3'" . DT  A 1 7  ? -2.329 5.783   -0.375  1.00 26.11 ? 7  DT  A "O3'" 1 
ATOM   131 C "C2'" . DT  A 1 7  ? 0.015  6.639   -0.251  1.00 19.58 ? 7  DT  A "C2'" 1 
ATOM   132 C "C1'" . DT  A 1 7  ? 0.650  5.604   -1.052  1.00 17.60 ? 7  DT  A "C1'" 1 
ATOM   133 N N1    . DT  A 1 7  ? 2.102  5.617   -1.039  1.00 15.24 ? 7  DT  A N1    1 
ATOM   134 C C2    . DT  A 1 7  ? 2.694  4.425   -0.872  1.00 16.50 ? 7  DT  A C2    1 
ATOM   135 O O2    . DT  A 1 7  ? 2.034  3.391   -0.768  1.00 16.30 ? 7  DT  A O2    1 
ATOM   136 N N3    . DT  A 1 7  ? 4.111  4.406   -0.806  1.00 17.60 ? 7  DT  A N3    1 
ATOM   137 C C4    . DT  A 1 7  ? 4.951  5.493   -0.894  1.00 17.06 ? 7  DT  A C4    1 
ATOM   138 O O4    . DT  A 1 7  ? 6.188  5.420   -0.850  1.00 19.64 ? 7  DT  A O4    1 
ATOM   139 C C5    . DT  A 1 7  ? 4.207  6.671   -1.063  1.00 15.79 ? 7  DT  A C5    1 
ATOM   140 C C7    . DT  A 1 7  ? 5.016  7.889   -1.166  1.00 16.79 ? 7  DT  A C7    1 
ATOM   141 C C6    . DT  A 1 7  ? 2.858  6.712   -1.131  1.00 16.26 ? 7  DT  A C6    1 
ATOM   142 P P     . DT  A 1 8  ? -3.136 6.079   0.981   1.00 29.31 ? 8  DT  A P     1 
ATOM   143 O OP1   . DT  A 1 8  ? -4.537 5.736   0.646   1.00 29.55 ? 8  DT  A OP1   1 
ATOM   144 O OP2   . DT  A 1 8  ? -2.827 7.368   1.583   1.00 29.73 ? 8  DT  A OP2   1 
ATOM   145 O "O5'" . DT  A 1 8  ? -2.400 5.024   1.978   1.00 28.53 ? 8  DT  A "O5'" 1 
ATOM   146 C "C5'" . DT  A 1 8  ? -2.573 3.688   1.522   1.00 27.76 ? 8  DT  A "C5'" 1 
ATOM   147 C "C4'" . DT  A 1 8  ? -1.796 2.599   2.125   1.00 26.47 ? 8  DT  A "C4'" 1 
ATOM   148 O "O4'" . DT  A 1 8  ? -0.391 2.855   2.035   1.00 26.32 ? 8  DT  A "O4'" 1 
ATOM   149 C "C3'" . DT  A 1 8  ? -2.042 2.624   3.580   1.00 26.65 ? 8  DT  A "C3'" 1 
ATOM   150 O "O3'" . DT  A 1 8  ? -2.115 1.263   3.925   1.00 30.16 ? 8  DT  A "O3'" 1 
ATOM   151 C "C2'" . DT  A 1 8  ? -0.833 3.353   4.102   1.00 25.09 ? 8  DT  A "C2'" 1 
ATOM   152 C "C1'" . DT  A 1 8  ? 0.245  2.812   3.277   1.00 23.58 ? 8  DT  A "C1'" 1 
ATOM   153 N N1    . DT  A 1 8  ? 1.485  3.562   3.080   1.00 21.83 ? 8  DT  A N1    1 
ATOM   154 C C2    . DT  A 1 8  ? 2.682  2.857   2.996   1.00 21.24 ? 8  DT  A C2    1 
ATOM   155 O O2    . DT  A 1 8  ? 2.781  1.654   3.077   1.00 23.41 ? 8  DT  A O2    1 
ATOM   156 N N3    . DT  A 1 8  ? 3.844  3.547   2.815   1.00 20.56 ? 8  DT  A N3    1 
ATOM   157 C C4    . DT  A 1 8  ? 3.923  4.908   2.708   1.00 20.26 ? 8  DT  A C4    1 
ATOM   158 O O4    . DT  A 1 8  ? 5.023  5.428   2.526   1.00 19.92 ? 8  DT  A O4    1 
ATOM   159 C C5    . DT  A 1 8  ? 2.630  5.580   2.805   1.00 20.12 ? 8  DT  A C5    1 
ATOM   160 C C7    . DT  A 1 8  ? 2.587  7.068   2.678   1.00 19.12 ? 8  DT  A C7    1 
ATOM   161 C C6    . DT  A 1 8  ? 1.473  4.910   2.983   1.00 20.65 ? 8  DT  A C6    1 
ATOM   162 P P     . DC  A 1 9  ? -2.729 0.662   5.298   1.00 31.80 ? 9  DC  A P     1 
ATOM   163 O OP1   . DC  A 1 9  ? -3.948 -0.096  4.973   1.00 32.05 ? 9  DC  A OP1   1 
ATOM   164 O OP2   . DC  A 1 9  ? -2.727 1.692   6.357   1.00 32.42 ? 9  DC  A OP2   1 
ATOM   165 O "O5'" . DC  A 1 9  ? -1.588 -0.263  5.704   1.00 30.33 ? 9  DC  A "O5'" 1 
ATOM   166 C "C5'" . DC  A 1 9  ? -0.900 -1.140  4.862   1.00 31.30 ? 9  DC  A "C5'" 1 
ATOM   167 C "C4'" . DC  A 1 9  ? 0.274  -1.704  5.617   1.00 31.73 ? 9  DC  A "C4'" 1 
ATOM   168 O "O4'" . DC  A 1 9  ? 1.444  -0.861  5.476   1.00 30.94 ? 9  DC  A "O4'" 1 
ATOM   169 C "C3'" . DC  A 1 9  ? -0.080 -1.688  7.091   1.00 32.76 ? 9  DC  A "C3'" 1 
ATOM   170 O "O3'" . DC  A 1 9  ? 0.448  -2.854  7.687   1.00 35.82 ? 9  DC  A "O3'" 1 
ATOM   171 C "C2'" . DC  A 1 9  ? 0.565  -0.373  7.557   1.00 32.22 ? 9  DC  A "C2'" 1 
ATOM   172 C "C1'" . DC  A 1 9  ? 1.816  -0.292  6.735   1.00 30.32 ? 9  DC  A "C1'" 1 
ATOM   173 N N1    . DC  A 1 9  ? 2.352  1.102   6.590   1.00 29.21 ? 9  DC  A N1    1 
ATOM   174 C C2    . DC  A 1 9  ? 3.735  1.253   6.396   1.00 28.51 ? 9  DC  A C2    1 
ATOM   175 O O2    . DC  A 1 9  ? 4.552  0.332   6.350   1.00 26.88 ? 9  DC  A O2    1 
ATOM   176 N N3    . DC  A 1 9  ? 4.237  2.510   6.276   1.00 28.22 ? 9  DC  A N3    1 
ATOM   177 C C4    . DC  A 1 9  ? 3.500  3.594   6.333   1.00 27.37 ? 9  DC  A C4    1 
ATOM   178 N N4    . DC  A 1 9  ? 4.161  4.733   6.174   1.00 25.75 ? 9  DC  A N4    1 
ATOM   179 C C5    . DC  A 1 9  ? 2.093  3.473   6.534   1.00 28.06 ? 9  DC  A C5    1 
ATOM   180 C C6    . DC  A 1 9  ? 1.568  2.221   6.655   1.00 28.57 ? 9  DC  A C6    1 
ATOM   181 P P     . DG  A 1 10 ? -0.191 -3.515  9.041   1.00 37.10 ? 10 DG  A P     1 
ATOM   182 O OP1   . DG  A 1 10 ? -0.874 -4.735  8.552   1.00 37.71 ? 10 DG  A OP1   1 
ATOM   183 O OP2   . DG  A 1 10 ? -0.913 -2.541  9.902   1.00 37.57 ? 10 DG  A OP2   1 
ATOM   184 O "O5'" . DG  A 1 10 ? 1.238  -3.816  9.756   1.00 37.54 ? 10 DG  A "O5'" 1 
ATOM   185 C "C5'" . DG  A 1 10 ? 2.449  -4.119  8.985   1.00 35.71 ? 10 DG  A "C5'" 1 
ATOM   186 C "C4'" . DG  A 1 10 ? 3.795  -3.695  9.611   1.00 34.95 ? 10 DG  A "C4'" 1 
ATOM   187 O "O4'" . DG  A 1 10 ? 4.136  -2.294  9.490   1.00 33.55 ? 10 DG  A "O4'" 1 
ATOM   188 C "C3'" . DG  A 1 10 ? 3.654  -3.868  11.111  1.00 34.91 ? 10 DG  A "C3'" 1 
ATOM   189 O "O3'" . DG  A 1 10 ? 4.957  -4.065  11.592  1.00 36.70 ? 10 DG  A "O3'" 1 
ATOM   190 C "C2'" . DG  A 1 10 ? 3.150  -2.529  11.619  1.00 33.73 ? 10 DG  A "C2'" 1 
ATOM   191 C "C1'" . DG  A 1 10 ? 4.068  -1.659  10.801  1.00 32.99 ? 10 DG  A "C1'" 1 
ATOM   192 N N9    . DG  A 1 10 ? 3.659  -0.216  10.609  1.00 31.20 ? 10 DG  A N9    1 
ATOM   193 C C8    . DG  A 1 10 ? 2.428  0.417   10.633  1.00 29.64 ? 10 DG  A C8    1 
ATOM   194 N N7    . DG  A 1 10 ? 2.490  1.695   10.383  1.00 28.68 ? 10 DG  A N7    1 
ATOM   195 C C5    . DG  A 1 10 ? 3.855  1.928   10.182  1.00 28.04 ? 10 DG  A C5    1 
ATOM   196 C C6    . DG  A 1 10 ? 4.536  3.121   9.880   1.00 27.11 ? 10 DG  A C6    1 
ATOM   197 O O6    . DG  A 1 10 ? 4.045  4.240   9.705   1.00 27.21 ? 10 DG  A O6    1 
ATOM   198 N N1    . DG  A 1 10 ? 5.908  2.893   9.771   1.00 25.14 ? 10 DG  A N1    1 
ATOM   199 C C2    . DG  A 1 10 ? 6.551  1.698   9.924   1.00 24.46 ? 10 DG  A C2    1 
ATOM   200 N N2    . DG  A 1 10 ? 7.862  1.633   9.789   1.00 23.94 ? 10 DG  A N2    1 
ATOM   201 N N3    . DG  A 1 10 ? 5.920  0.600   10.203  1.00 26.33 ? 10 DG  A N3    1 
ATOM   202 C C4    . DG  A 1 10 ? 4.577  0.780   10.318  1.00 28.65 ? 10 DG  A C4    1 
ATOM   203 P P     . DC  A 1 11 ? 5.226  -5.235  12.648  1.00 39.25 ? 11 DC  A P     1 
ATOM   204 O OP1   . DC  A 1 11 ? 5.090  -6.557  11.950  1.00 38.48 ? 11 DC  A OP1   1 
ATOM   205 O OP2   . DC  A 1 11 ? 4.453  -4.962  13.905  1.00 37.88 ? 11 DC  A OP2   1 
ATOM   206 O "O5'" . DC  A 1 11 ? 6.812  -4.931  12.810  1.00 38.46 ? 11 DC  A "O5'" 1 
ATOM   207 C "C5'" . DC  A 1 11 ? 7.514  -5.161  11.567  1.00 38.70 ? 11 DC  A "C5'" 1 
ATOM   208 C "C4'" . DC  A 1 11 ? 8.780  -4.328  11.304  1.00 38.61 ? 11 DC  A "C4'" 1 
ATOM   209 O "O4'" . DC  A 1 11 ? 8.536  -2.883  11.220  1.00 37.85 ? 11 DC  A "O4'" 1 
ATOM   210 C "C3'" . DC  A 1 11 ? 9.708  -4.570  12.465  1.00 38.51 ? 11 DC  A "C3'" 1 
ATOM   211 O "O3'" . DC  A 1 11 ? 11.012 -4.529  11.830  1.00 39.38 ? 11 DC  A "O3'" 1 
ATOM   212 C "C2'" . DC  A 1 11 ? 9.285  -3.412  13.382  1.00 37.00 ? 11 DC  A "C2'" 1 
ATOM   213 C "C1'" . DC  A 1 11 ? 9.032  -2.269  12.420  1.00 35.20 ? 11 DC  A "C1'" 1 
ATOM   214 N N1    . DC  A 1 11 ? 8.029  -1.306  12.879  1.00 32.64 ? 11 DC  A N1    1 
ATOM   215 C C2    . DC  A 1 11 ? 8.329  0.036   12.793  1.00 31.89 ? 11 DC  A C2    1 
ATOM   216 O O2    . DC  A 1 11 ? 9.394  0.452   12.371  1.00 32.27 ? 11 DC  A O2    1 
ATOM   217 N N3    . DC  A 1 11 ? 7.437  0.951   13.185  1.00 30.54 ? 11 DC  A N3    1 
ATOM   218 C C4    . DC  A 1 11 ? 6.265  0.574   13.665  1.00 30.86 ? 11 DC  A C4    1 
ATOM   219 N N4    . DC  A 1 11 ? 5.383  1.506   14.064  1.00 29.86 ? 11 DC  A N4    1 
ATOM   220 C C5    . DC  A 1 11 ? 5.945  -0.810  13.760  1.00 31.19 ? 11 DC  A C5    1 
ATOM   221 C C6    . DC  A 1 11 ? 6.861  -1.704  13.353  1.00 31.28 ? 11 DC  A C6    1 
ATOM   222 P P     . DG  A 1 12 ? 12.366 -4.668  12.675  1.00 41.73 ? 12 DG  A P     1 
ATOM   223 O OP1   . DG  A 1 12 ? 13.505 -4.658  11.705  1.00 41.57 ? 12 DG  A OP1   1 
ATOM   224 O OP2   . DG  A 1 12 ? 12.263 -5.763  13.673  1.00 41.04 ? 12 DG  A OP2   1 
ATOM   225 O "O5'" . DG  A 1 12 ? 12.330 -3.263  13.561  1.00 40.05 ? 12 DG  A "O5'" 1 
ATOM   226 C "C5'" . DG  A 1 12 ? 13.199 -2.176  13.243  1.00 36.70 ? 12 DG  A "C5'" 1 
ATOM   227 C "C4'" . DG  A 1 12 ? 13.517 -1.151  14.333  1.00 34.45 ? 12 DG  A "C4'" 1 
ATOM   228 O "O4'" . DG  A 1 12 ? 12.349 -0.338  14.623  1.00 33.39 ? 12 DG  A "O4'" 1 
ATOM   229 C "C3'" . DG  A 1 12 ? 13.740 -1.814  15.710  1.00 34.16 ? 12 DG  A "C3'" 1 
ATOM   230 O "O3'" . DG  A 1 12 ? 14.692 -1.120  16.516  1.00 33.91 ? 12 DG  A "O3'" 1 
ATOM   231 C "C2'" . DG  A 1 12 ? 12.412 -1.687  16.431  1.00 32.62 ? 12 DG  A "C2'" 1 
ATOM   232 C "C1'" . DG  A 1 12 ? 12.001 -0.330  16.007  1.00 31.28 ? 12 DG  A "C1'" 1 
ATOM   233 N N9    . DG  A 1 12 ? 10.579 -0.047  16.269  1.00 29.42 ? 12 DG  A N9    1 
ATOM   234 C C8    . DG  A 1 12 ? 9.628  -0.952  16.631  1.00 29.20 ? 12 DG  A C8    1 
ATOM   235 N N7    . DG  A 1 12 ? 8.470  -0.462  16.830  1.00 27.63 ? 12 DG  A N7    1 
ATOM   236 C C5    . DG  A 1 12 ? 8.647  0.892   16.582  1.00 27.74 ? 12 DG  A C5    1 
ATOM   237 C C6    . DG  A 1 12 ? 7.693  1.922   16.655  1.00 28.31 ? 12 DG  A C6    1 
ATOM   238 O O6    . DG  A 1 12 ? 6.498  1.777   16.944  1.00 29.02 ? 12 DG  A O6    1 
ATOM   239 N N1    . DG  A 1 12 ? 8.212  3.178   16.354  1.00 27.65 ? 12 DG  A N1    1 
ATOM   240 C C2    . DG  A 1 12 ? 9.512  3.449   16.010  1.00 27.52 ? 12 DG  A C2    1 
ATOM   241 N N2    . DG  A 1 12 ? 9.784  4.755   15.783  1.00 27.17 ? 12 DG  A N2    1 
ATOM   242 N N3    . DG  A 1 12 ? 10.439 2.454   15.930  1.00 27.81 ? 12 DG  A N3    1 
ATOM   243 C C4    . DG  A 1 12 ? 9.930  1.192   16.234  1.00 28.42 ? 12 DG  A C4    1 
ATOM   244 O "O5'" . DC  B 1 1  ? 2.995  10.867  17.202  1.00 37.85 ? 13 DC  B "O5'" 1 
ATOM   245 C "C5'" . DC  B 1 1  ? 4.314  11.300  17.659  1.00 36.83 ? 13 DC  B "C5'" 1 
ATOM   246 C "C4'" . DC  B 1 1  ? 5.610  10.940  16.841  1.00 35.56 ? 13 DC  B "C4'" 1 
ATOM   247 O "O4'" . DC  B 1 1  ? 6.142  9.645   17.072  1.00 34.09 ? 13 DC  B "O4'" 1 
ATOM   248 C "C3'" . DC  B 1 1  ? 5.250  10.875  15.409  1.00 36.17 ? 13 DC  B "C3'" 1 
ATOM   249 O "O3'" . DC  B 1 1  ? 6.433  11.104  14.695  1.00 38.48 ? 13 DC  B "O3'" 1 
ATOM   250 C "C2'" . DC  B 1 1  ? 4.853  9.437   15.251  1.00 33.89 ? 13 DC  B "C2'" 1 
ATOM   251 C "C1'" . DC  B 1 1  ? 5.950  8.797   15.974  1.00 32.97 ? 13 DC  B "C1'" 1 
ATOM   252 N N1    . DC  B 1 1  ? 5.632  7.454   16.431  1.00 32.15 ? 13 DC  B N1    1 
ATOM   253 C C2    . DC  B 1 1  ? 6.552  6.454   16.232  1.00 30.17 ? 13 DC  B C2    1 
ATOM   254 O O2    . DC  B 1 1  ? 7.630  6.644   15.699  1.00 28.60 ? 13 DC  B O2    1 
ATOM   255 N N3    . DC  B 1 1  ? 6.240  5.216   16.675  1.00 31.71 ? 13 DC  B N3    1 
ATOM   256 C C4    . DC  B 1 1  ? 5.070  4.945   17.305  1.00 33.25 ? 13 DC  B C4    1 
ATOM   257 N N4    . DC  B 1 1  ? 4.777  3.712   17.751  1.00 33.54 ? 13 DC  B N4    1 
ATOM   258 C C5    . DC  B 1 1  ? 4.111  5.984   17.516  1.00 33.29 ? 13 DC  B C5    1 
ATOM   259 C C6    . DC  B 1 1  ? 4.440  7.213   17.060  1.00 33.40 ? 13 DC  B C6    1 
ATOM   260 P P     . DG  B 1 2  ? 6.791  12.462  13.936  1.00 40.20 ? 14 DG  B P     1 
ATOM   261 O OP1   . DG  B 1 2  ? 7.252  13.457  14.945  1.00 40.87 ? 14 DG  B OP1   1 
ATOM   262 O OP2   . DG  B 1 2  ? 5.684  12.768  12.984  1.00 39.93 ? 14 DG  B OP2   1 
ATOM   263 O "O5'" . DG  B 1 2  ? 8.073  11.888  13.145  1.00 38.09 ? 14 DG  B "O5'" 1 
ATOM   264 C "C5'" . DG  B 1 2  ? 9.112  11.426  14.026  1.00 34.80 ? 14 DG  B "C5'" 1 
ATOM   265 C "C4'" . DG  B 1 2  ? 10.201 10.608  13.395  1.00 33.12 ? 14 DG  B "C4'" 1 
ATOM   266 O "O4'" . DG  B 1 2  ? 9.987  9.188   13.613  1.00 32.37 ? 14 DG  B "O4'" 1 
ATOM   267 C "C3'" . DG  B 1 2  ? 10.203 10.819  11.893  1.00 32.28 ? 14 DG  B "C3'" 1 
ATOM   268 O "O3'" . DG  B 1 2  ? 11.528 10.710  11.415  1.00 32.81 ? 14 DG  B "O3'" 1 
ATOM   269 C "C2'" . DG  B 1 2  ? 9.366  9.670   11.395  1.00 31.91 ? 14 DG  B "C2'" 1 
ATOM   270 C "C1'" . DG  B 1 2  ? 9.735  8.519   12.342  1.00 30.97 ? 14 DG  B "C1'" 1 
ATOM   271 N N9    . DG  B 1 2  ? 8.596  7.591   12.423  1.00 28.69 ? 14 DG  B N9    1 
ATOM   272 C C8    . DG  B 1 2  ? 7.313  7.966   12.475  1.00 26.97 ? 14 DG  B C8    1 
ATOM   273 N N7    . DG  B 1 2  ? 6.481  7.014   12.540  1.00 27.26 ? 14 DG  B N7    1 
ATOM   274 C C5    . DG  B 1 2  ? 7.262  5.891   12.536  1.00 27.36 ? 14 DG  B C5    1 
ATOM   275 C C6    . DG  B 1 2  ? 6.839  4.537   12.593  1.00 27.16 ? 14 DG  B C6    1 
ATOM   276 O O6    . DG  B 1 2  ? 5.668  4.130   12.685  1.00 27.44 ? 14 DG  B O6    1 
ATOM   277 N N1    . DG  B 1 2  ? 7.945  3.686   12.548  1.00 26.47 ? 14 DG  B N1    1 
ATOM   278 C C2    . DG  B 1 2  ? 9.240  4.115   12.469  1.00 26.72 ? 14 DG  B C2    1 
ATOM   279 N N2    . DG  B 1 2  ? 10.152 3.189   12.429  1.00 28.46 ? 14 DG  B N2    1 
ATOM   280 N N3    . DG  B 1 2  ? 9.647  5.385   12.426  1.00 27.59 ? 14 DG  B N3    1 
ATOM   281 C C4    . DG  B 1 2  ? 8.583  6.228   12.462  1.00 27.75 ? 14 DG  B C4    1 
ATOM   282 P P     . DC  B 1 3  ? 11.899 10.947  9.911   1.00 32.17 ? 15 DC  B P     1 
ATOM   283 O OP1   . DC  B 1 3  ? 13.274 11.477  9.937   1.00 33.19 ? 15 DC  B OP1   1 
ATOM   284 O OP2   . DC  B 1 3  ? 10.810 11.712  9.273   1.00 33.39 ? 15 DC  B OP2   1 
ATOM   285 O "O5'" . DC  B 1 3  ? 11.894 9.470   9.367   1.00 29.88 ? 15 DC  B "O5'" 1 
ATOM   286 C "C5'" . DC  B 1 3  ? 13.024 8.686   9.781   1.00 26.57 ? 15 DC  B "C5'" 1 
ATOM   287 C "C4'" . DC  B 1 3  ? 12.974 7.241   9.413   1.00 25.01 ? 15 DC  B "C4'" 1 
ATOM   288 O "O4'" . DC  B 1 3  ? 11.706 6.614   9.794   1.00 24.28 ? 15 DC  B "O4'" 1 
ATOM   289 C "C3'" . DC  B 1 3  ? 12.878 7.169   7.945   1.00 24.51 ? 15 DC  B "C3'" 1 
ATOM   290 O "O3'" . DC  B 1 3  ? 13.646 6.173   7.402   1.00 26.66 ? 15 DC  B "O3'" 1 
ATOM   291 C "C2'" . DC  B 1 3  ? 11.450 6.892   7.650   1.00 23.43 ? 15 DC  B "C2'" 1 
ATOM   292 C "C1'" . DC  B 1 3  ? 10.979 6.031   8.730   1.00 20.86 ? 15 DC  B "C1'" 1 
ATOM   293 N N1    . DC  B 1 3  ? 9.511  6.156   8.773   1.00 19.98 ? 15 DC  B N1    1 
ATOM   294 C C2    . DC  B 1 3  ? 8.775  5.036   8.989   1.00 19.42 ? 15 DC  B C2    1 
ATOM   295 O O2    . DC  B 1 3  ? 9.316  3.938   9.181   1.00 18.31 ? 15 DC  B O2    1 
ATOM   296 N N3    . DC  B 1 3  ? 7.401  5.184   8.979   1.00 18.80 ? 15 DC  B N3    1 
ATOM   297 C C4    . DC  B 1 3  ? 6.742  6.331   8.775   1.00 18.16 ? 15 DC  B C4    1 
ATOM   298 N N4    . DC  B 1 3  ? 5.394  6.449   8.776   1.00 17.47 ? 15 DC  B N4    1 
ATOM   299 C C5    . DC  B 1 3  ? 7.519  7.461   8.556   1.00 18.84 ? 15 DC  B C5    1 
ATOM   300 C C6    . DC  B 1 3  ? 8.867  7.324   8.568   1.00 19.81 ? 15 DC  B C6    1 
ATOM   301 P P     . DG  B 1 4  ? 14.412 6.496   6.026   1.00 26.72 ? 16 DG  B P     1 
ATOM   302 O OP1   . DG  B 1 4  ? 15.806 6.841   6.331   1.00 29.87 ? 16 DG  B OP1   1 
ATOM   303 O OP2   . DG  B 1 4  ? 13.580 7.365   5.157   1.00 27.64 ? 16 DG  B OP2   1 
ATOM   304 O "O5'" . DG  B 1 4  ? 14.463 5.022   5.498   1.00 26.06 ? 16 DG  B "O5'" 1 
ATOM   305 C "C5'" . DG  B 1 4  ? 15.040 4.011   6.329   1.00 22.55 ? 16 DG  B "C5'" 1 
ATOM   306 C "C4'" . DG  B 1 4  ? 14.343 2.685   6.177   1.00 20.93 ? 16 DG  B "C4'" 1 
ATOM   307 O "O4'" . DG  B 1 4  ? 12.915 2.785   6.463   1.00 19.27 ? 16 DG  B "O4'" 1 
ATOM   308 C "C3'" . DG  B 1 4  ? 14.456 2.256   4.740   1.00 21.20 ? 16 DG  B "C3'" 1 
ATOM   309 O "O3'" . DG  B 1 4  ? 14.498 0.830   4.809   1.00 25.52 ? 16 DG  B "O3'" 1 
ATOM   310 C "C2'" . DG  B 1 4  ? 13.166 2.784   4.172   1.00 19.30 ? 16 DG  B "C2'" 1 
ATOM   311 C "C1'" . DG  B 1 4  ? 12.147 2.515   5.289   1.00 17.55 ? 16 DG  B "C1'" 1 
ATOM   312 N N9    . DG  B 1 4  ? 10.961 3.398   5.218   1.00 14.69 ? 16 DG  B N9    1 
ATOM   313 C C8    . DG  B 1 4  ? 10.893 4.671   4.814   1.00 14.11 ? 16 DG  B C8    1 
ATOM   314 N N7    . DG  B 1 4  ? 9.707  5.191   4.859   1.00 13.75 ? 16 DG  B N7    1 
ATOM   315 C C5    . DG  B 1 4  ? 8.932  4.190   5.325   1.00 12.10 ? 16 DG  B C5    1 
ATOM   316 C C6    . DG  B 1 4  ? 7.567  4.192   5.569   1.00 11.98 ? 16 DG  B C6    1 
ATOM   317 O O6    . DG  B 1 4  ? 6.790  5.111   5.417   1.00 14.06 ? 16 DG  B O6    1 
ATOM   318 N N1    . DG  B 1 4  ? 7.099  3.011   6.031   1.00 12.03 ? 16 DG  B N1    1 
ATOM   319 C C2    . DG  B 1 4  ? 7.899  1.930   6.227   1.00 13.95 ? 16 DG  B C2    1 
ATOM   320 N N2    . DG  B 1 4  ? 7.283  0.843   6.655   1.00 15.68 ? 16 DG  B N2    1 
ATOM   321 N N3    . DG  B 1 4  ? 9.221  1.906   5.999   1.00 14.38 ? 16 DG  B N3    1 
ATOM   322 C C4    . DG  B 1 4  ? 9.676  3.084   5.548   1.00 13.76 ? 16 DG  B C4    1 
ATOM   323 P P     . DA  B 1 5  ? 14.570 -0.189  3.546   1.00 26.79 ? 17 DA  B P     1 
ATOM   324 O OP1   . DA  B 1 5  ? 15.420 -1.355  3.840   1.00 28.65 ? 17 DA  B OP1   1 
ATOM   325 O OP2   . DA  B 1 5  ? 14.860 0.613   2.329   1.00 26.35 ? 17 DA  B OP2   1 
ATOM   326 O "O5'" . DA  B 1 5  ? 13.051 -0.723  3.633   1.00 26.04 ? 17 DA  B "O5'" 1 
ATOM   327 C "C5'" . DA  B 1 5  ? 12.748 -1.504  4.768   1.00 24.11 ? 17 DA  B "C5'" 1 
ATOM   328 C "C4'" . DA  B 1 5  ? 11.539 -2.288  4.623   1.00 24.19 ? 17 DA  B "C4'" 1 
ATOM   329 O "O4'" . DA  B 1 5  ? 10.389 -1.465  4.509   1.00 23.76 ? 17 DA  B "O4'" 1 
ATOM   330 C "C3'" . DA  B 1 5  ? 11.557 -3.000  3.325   1.00 26.71 ? 17 DA  B "C3'" 1 
ATOM   331 O "O3'" . DA  B 1 5  ? 10.836 -4.206  3.632   1.00 30.47 ? 17 DA  B "O3'" 1 
ATOM   332 C "C2'" . DA  B 1 5  ? 10.865 -2.027  2.342   1.00 24.08 ? 17 DA  B "C2'" 1 
ATOM   333 C "C1'" . DA  B 1 5  ? 9.774  -1.416  3.218   1.00 21.73 ? 17 DA  B "C1'" 1 
ATOM   334 N N9    . DA  B 1 5  ? 9.501  -0.009  2.833   1.00 18.98 ? 17 DA  B N9    1 
ATOM   335 C C8    . DA  B 1 5  ? 10.382 0.914   2.330   1.00 17.26 ? 17 DA  B C8    1 
ATOM   336 N N7    . DA  B 1 5  ? 9.852  2.060   2.092   1.00 15.73 ? 17 DA  B N7    1 
ATOM   337 C C5    . DA  B 1 5  ? 8.529  1.883   2.462   1.00 15.05 ? 17 DA  B C5    1 
ATOM   338 C C6    . DA  B 1 5  ? 7.432  2.732   2.432   1.00 14.03 ? 17 DA  B C6    1 
ATOM   339 N N6    . DA  B 1 5  ? 7.505  4.004   2.019   1.00 14.01 ? 17 DA  B N6    1 
ATOM   340 N N1    . DA  B 1 5  ? 6.263  2.238   2.852   1.00 15.69 ? 17 DA  B N1    1 
ATOM   341 C C2    . DA  B 1 5  ? 6.192  0.999   3.260   1.00 16.54 ? 17 DA  B C2    1 
ATOM   342 N N3    . DA  B 1 5  ? 7.166  0.114   3.327   1.00 18.04 ? 17 DA  B N3    1 
ATOM   343 C C4    . DA  B 1 5  ? 8.319  0.633   2.903   1.00 16.27 ? 17 DA  B C4    1 
ATOM   344 P P     . DA  B 1 6  ? 10.438 -5.343  2.567   1.00 32.31 ? 18 DA  B P     1 
ATOM   345 O OP1   . DA  B 1 6  ? 10.516 -6.542  3.425   1.00 34.10 ? 18 DA  B OP1   1 
ATOM   346 O OP2   . DA  B 1 6  ? 11.237 -5.210  1.300   1.00 31.41 ? 18 DA  B OP2   1 
ATOM   347 O "O5'" . DA  B 1 6  ? 8.899  -5.001  2.194   1.00 31.23 ? 18 DA  B "O5'" 1 
ATOM   348 C "C5'" . DA  B 1 6  ? 7.883  -5.003  3.193   1.00 29.06 ? 18 DA  B "C5'" 1 
ATOM   349 C "C4'" . DA  B 1 6  ? 6.483  -4.650  2.660   1.00 28.54 ? 18 DA  B "C4'" 1 
ATOM   350 O "O4'" . DA  B 1 6  ? 6.370  -3.280  2.242   1.00 27.68 ? 18 DA  B "O4'" 1 
ATOM   351 C "C3'" . DA  B 1 6  ? 6.231  -5.310  1.330   1.00 29.19 ? 18 DA  B "C3'" 1 
ATOM   352 O "O3'" . DA  B 1 6  ? 4.847  -5.587  1.241   1.00 31.79 ? 18 DA  B "O3'" 1 
ATOM   353 C "C2'" . DA  B 1 6  ? 6.629  -4.291  0.282   1.00 26.91 ? 18 DA  B "C2'" 1 
ATOM   354 C "C1'" . DA  B 1 6  ? 6.079  -3.061  0.870   1.00 24.60 ? 18 DA  B "C1'" 1 
ATOM   355 N N9    . DA  B 1 6  ? 6.694  -1.795  0.365   1.00 22.50 ? 18 DA  B N9    1 
ATOM   356 C C8    . DA  B 1 6  ? 8.007  -1.534  -0.028  1.00 20.90 ? 18 DA  B C8    1 
ATOM   357 N N7    . DA  B 1 6  ? 8.209  -0.309  -0.446  1.00 20.11 ? 18 DA  B N7    1 
ATOM   358 C C5    . DA  B 1 6  ? 6.940  0.298   -0.324  1.00 18.94 ? 18 DA  B C5    1 
ATOM   359 C C6    . DA  B 1 6  ? 6.496  1.576   -0.612  1.00 17.46 ? 18 DA  B C6    1 
ATOM   360 N N6    . DA  B 1 6  ? 7.348  2.509   -1.073  1.00 17.36 ? 18 DA  B N6    1 
ATOM   361 N N1    . DA  B 1 6  ? 5.200  1.860   -0.392  1.00 16.51 ? 18 DA  B N1    1 
ATOM   362 C C2    . DA  B 1 6  ? 4.387  0.938   0.081   1.00 17.53 ? 18 DA  B C2    1 
ATOM   363 N N3    . DA  B 1 6  ? 4.691  -0.317  0.397   1.00 19.54 ? 18 DA  B N3    1 
ATOM   364 C C4    . DA  B 1 6  ? 6.008  -0.581  0.165   1.00 20.39 ? 18 DA  B C4    1 
ATOM   365 P P     . DT  B 1 7  ? 4.379  -6.670  0.170   1.00 33.42 ? 19 DT  B P     1 
ATOM   366 O OP1   . DT  B 1 7  ? 3.470  -7.603  0.893   1.00 33.36 ? 19 DT  B OP1   1 
ATOM   367 O OP2   . DT  B 1 7  ? 5.572  -7.210  -0.542  1.00 34.19 ? 19 DT  B OP2   1 
ATOM   368 O "O5'" . DT  B 1 7  ? 3.583  -5.766  -0.833  1.00 32.73 ? 19 DT  B "O5'" 1 
ATOM   369 C "C5'" . DT  B 1 7  ? 2.419  -5.400  -0.091  1.00 31.35 ? 19 DT  B "C5'" 1 
ATOM   370 C "C4'" . DT  B 1 7  ? 1.569  -4.288  -0.548  1.00 30.32 ? 19 DT  B "C4'" 1 
ATOM   371 O "O4'" . DT  B 1 7  ? 2.324  -3.059  -0.627  1.00 28.64 ? 19 DT  B "O4'" 1 
ATOM   372 C "C3'" . DT  B 1 7  ? 1.097  -4.632  -1.917  1.00 30.19 ? 19 DT  B "C3'" 1 
ATOM   373 O "O3'" . DT  B 1 7  ? -0.273 -4.217  -1.935  1.00 32.10 ? 19 DT  B "O3'" 1 
ATOM   374 C "C2'" . DT  B 1 7  ? 2.086  -3.834  -2.753  1.00 27.90 ? 19 DT  B "C2'" 1 
ATOM   375 C "C1'" . DT  B 1 7  ? 2.294  -2.564  -1.975  1.00 25.66 ? 19 DT  B "C1'" 1 
ATOM   376 N N1    . DT  B 1 7  ? 3.518  -1.855  -2.472  1.00 21.37 ? 19 DT  B N1    1 
ATOM   377 C C2    . DT  B 1 7  ? 3.422  -0.508  -2.757  1.00 19.50 ? 19 DT  B C2    1 
ATOM   378 O O2    . DT  B 1 7  ? 2.388  0.141   -2.577  1.00 17.22 ? 19 DT  B O2    1 
ATOM   379 N N3    . DT  B 1 7  ? 4.563  0.101   -3.261  1.00 17.66 ? 19 DT  B N3    1 
ATOM   380 C C4    . DT  B 1 7  ? 5.793  -0.492  -3.507  1.00 18.70 ? 19 DT  B C4    1 
ATOM   381 O O4    . DT  B 1 7  ? 6.747  0.192   -3.974  1.00 18.49 ? 19 DT  B O4    1 
ATOM   382 C C5    . DT  B 1 7  ? 5.765  -1.916  -3.158  1.00 18.10 ? 19 DT  B C5    1 
ATOM   383 C C7    . DT  B 1 7  ? 6.985  -2.804  -3.304  1.00 18.35 ? 19 DT  B C7    1 
ATOM   384 C C6    . DT  B 1 7  ? 4.673  -2.520  -2.673  1.00 20.02 ? 19 DT  B C6    1 
ATOM   385 P P     . DT  B 1 8  ? -1.259 -4.869  -3.028  1.00 33.00 ? 20 DT  B P     1 
ATOM   386 O OP1   . DT  B 1 8  ? -2.619 -5.024  -2.449  1.00 32.23 ? 20 DT  B OP1   1 
ATOM   387 O OP2   . DT  B 1 8  ? -0.566 -5.984  -3.732  1.00 32.48 ? 20 DT  B OP2   1 
ATOM   388 O "O5'" . DT  B 1 8  ? -1.276 -3.629  -4.029  1.00 31.19 ? 20 DT  B "O5'" 1 
ATOM   389 C "C5'" . DT  B 1 8  ? -1.980 -2.540  -3.445  1.00 28.05 ? 20 DT  B "C5'" 1 
ATOM   390 C "C4'" . DT  B 1 8  ? -1.986 -1.261  -4.159  1.00 26.03 ? 20 DT  B "C4'" 1 
ATOM   391 O "O4'" . DT  B 1 8  ? -0.665 -0.814  -4.474  1.00 23.86 ? 20 DT  B "O4'" 1 
ATOM   392 C "C3'" . DT  B 1 8  ? -2.523 -1.491  -5.517  1.00 26.04 ? 20 DT  B "C3'" 1 
ATOM   393 O "O3'" . DT  B 1 8  ? -3.352 -0.399  -5.758  1.00 29.57 ? 20 DT  B "O3'" 1 
ATOM   394 C "C2'" . DT  B 1 8  ? -1.305 -1.558  -6.412  1.00 23.67 ? 20 DT  B "C2'" 1 
ATOM   395 C "C1'" . DT  B 1 8  ? -0.474 -0.537  -5.813  1.00 21.09 ? 20 DT  B "C1'" 1 
ATOM   396 N N1    . DT  B 1 8  ? 0.937  -0.610  -6.037  1.00 19.10 ? 20 DT  B N1    1 
ATOM   397 C C2    . DT  B 1 8  ? 1.621  0.589   -6.286  1.00 18.28 ? 20 DT  B C2    1 
ATOM   398 O O2    . DT  B 1 8  ? 1.073  1.665   -6.331  1.00 17.80 ? 20 DT  B O2    1 
ATOM   399 N N3    . DT  B 1 8  ? 2.972  0.523   -6.513  1.00 17.85 ? 20 DT  B N3    1 
ATOM   400 C C4    . DT  B 1 8  ? 3.672  -0.649  -6.507  1.00 17.84 ? 20 DT  B C4    1 
ATOM   401 O O4    . DT  B 1 8  ? 4.873  -0.612  -6.720  1.00 21.10 ? 20 DT  B O4    1 
ATOM   402 C C5    . DT  B 1 8  ? 2.903  -1.836  -6.244  1.00 17.32 ? 20 DT  B C5    1 
ATOM   403 C C7    . DT  B 1 8  ? 3.585  -3.154  -6.221  1.00 17.72 ? 20 DT  B C7    1 
ATOM   404 C C6    . DT  B 1 8  ? 1.587  -1.795  -6.019  1.00 18.38 ? 20 DT  B C6    1 
ATOM   405 P P     . DC  B 1 9  ? -4.407 -0.494  -6.916  1.00 32.37 ? 21 DC  B P     1 
ATOM   406 O OP1   . DC  B 1 9  ? -5.710 -0.061  -6.357  1.00 32.12 ? 21 DC  B OP1   1 
ATOM   407 O OP2   . DC  B 1 9  ? -4.308 -1.753  -7.679  1.00 34.65 ? 21 DC  B OP2   1 
ATOM   408 O "O5'" . DC  B 1 9  ? -3.770 0.554   -7.909  1.00 31.03 ? 21 DC  B "O5'" 1 
ATOM   409 C "C5'" . DC  B 1 9  ? -3.590 1.871   -7.494  1.00 28.03 ? 21 DC  B "C5'" 1 
ATOM   410 C "C4'" . DC  B 1 9  ? -2.982 2.702   -8.527  1.00 28.80 ? 21 DC  B "C4'" 1 
ATOM   411 O "O4'" . DC  B 1 9  ? -1.547 2.421   -8.596  1.00 27.96 ? 21 DC  B "O4'" 1 
ATOM   412 C "C3'" . DC  B 1 9  ? -3.579 2.321   -9.881  1.00 29.35 ? 21 DC  B "C3'" 1 
ATOM   413 O "O3'" . DC  B 1 9  ? -3.894 3.480   -10.659 1.00 31.86 ? 21 DC  B "O3'" 1 
ATOM   414 C "C2'" . DC  B 1 9  ? -2.480 1.479   -10.473 1.00 28.57 ? 21 DC  B "C2'" 1 
ATOM   415 C "C1'" . DC  B 1 9  ? -1.194 2.104   -9.940  1.00 27.57 ? 21 DC  B "C1'" 1 
ATOM   416 N N1    . DC  B 1 9  ? 0.013  1.211   -9.919  1.00 26.75 ? 21 DC  B N1    1 
ATOM   417 C C2    . DC  B 1 9  ? 1.297  1.729   -10.226 1.00 25.40 ? 21 DC  B C2    1 
ATOM   418 O O2    . DC  B 1 9  ? 1.516  2.909   -10.520 1.00 24.50 ? 21 DC  B O2    1 
ATOM   419 N N3    . DC  B 1 9  ? 2.351  0.874   -10.192 1.00 23.43 ? 21 DC  B N3    1 
ATOM   420 C C4    . DC  B 1 9  ? 2.190  -0.408  -9.887  1.00 22.98 ? 21 DC  B C4    1 
ATOM   421 N N4    . DC  B 1 9  ? 3.247  -1.211  -9.857  1.00 22.75 ? 21 DC  B N4    1 
ATOM   422 C C5    . DC  B 1 9  ? 0.913  -0.952  -9.580  1.00 23.80 ? 21 DC  B C5    1 
ATOM   423 C C6    . DC  B 1 9  ? -0.144 -0.117  -9.605  1.00 25.44 ? 21 DC  B C6    1 
ATOM   424 P P     . DG  B 1 10 ? -4.985 3.442   -11.857 1.00 31.69 ? 22 DG  B P     1 
ATOM   425 O OP1   . DG  B 1 10 ? -5.929 4.561   -11.792 1.00 31.76 ? 22 DG  B OP1   1 
ATOM   426 O OP2   . DG  B 1 10 ? -5.423 2.051   -12.049 1.00 33.57 ? 22 DG  B OP2   1 
ATOM   427 O "O5'" . DG  B 1 10 ? -3.928 3.797   -12.943 1.00 31.58 ? 22 DG  B "O5'" 1 
ATOM   428 C "C5'" . DG  B 1 10 ? -3.361 5.113   -13.081 1.00 29.45 ? 22 DG  B "C5'" 1 
ATOM   429 C "C4'" . DG  B 1 10 ? -2.278 5.166   -14.156 1.00 27.70 ? 22 DG  B "C4'" 1 
ATOM   430 O "O4'" . DG  B 1 10 ? -1.135 4.365   -13.793 1.00 26.36 ? 22 DG  B "O4'" 1 
ATOM   431 C "C3'" . DG  B 1 10 ? -2.824 4.440   -15.392 1.00 27.99 ? 22 DG  B "C3'" 1 
ATOM   432 O "O3'" . DG  B 1 10 ? -2.237 4.837   -16.575 1.00 30.18 ? 22 DG  B "O3'" 1 
ATOM   433 C "C2'" . DG  B 1 10 ? -2.350 3.032   -15.244 1.00 25.13 ? 22 DG  B "C2'" 1 
ATOM   434 C "C1'" . DG  B 1 10 ? -0.994 3.289   -14.709 1.00 23.26 ? 22 DG  B "C1'" 1 
ATOM   435 N N9    . DG  B 1 10 ? -0.452 2.028   -14.175 1.00 20.53 ? 22 DG  B N9    1 
ATOM   436 C C8    . DG  B 1 10 ? -1.106 0.884   -13.732 1.00 20.28 ? 22 DG  B C8    1 
ATOM   437 N N7    . DG  B 1 10 ? -0.290 -0.069  -13.350 1.00 19.20 ? 22 DG  B N7    1 
ATOM   438 C C5    . DG  B 1 10 ? 0.977  0.465   -13.542 1.00 16.86 ? 22 DG  B C5    1 
ATOM   439 C C6    . DG  B 1 10 ? 2.212  -0.113  -13.314 1.00 14.29 ? 22 DG  B C6    1 
ATOM   440 O O6    . DG  B 1 10 ? 2.465  -1.210  -12.862 1.00 15.06 ? 22 DG  B O6    1 
ATOM   441 N N1    . DG  B 1 10 ? 3.208  0.729   -13.637 1.00 13.88 ? 22 DG  B N1    1 
ATOM   442 C C2    . DG  B 1 10 ? 3.038  1.963   -14.132 1.00 13.75 ? 22 DG  B C2    1 
ATOM   443 N N2    . DG  B 1 10 ? 4.092  2.640   -14.397 1.00 14.45 ? 22 DG  B N2    1 
ATOM   444 N N3    . DG  B 1 10 ? 1.900  2.547   -14.364 1.00 15.37 ? 22 DG  B N3    1 
ATOM   445 C C4    . DG  B 1 10 ? 0.890  1.734   -14.051 1.00 17.83 ? 22 DG  B C4    1 
ATOM   446 P P     . DC  B 1 11 ? -2.922 5.880   -17.501 1.00 31.96 ? 23 DC  B P     1 
ATOM   447 O OP1   . DC  B 1 11 ? -3.321 7.069   -16.719 1.00 32.01 ? 23 DC  B OP1   1 
ATOM   448 O OP2   . DC  B 1 11 ? -3.806 5.158   -18.450 1.00 30.51 ? 23 DC  B OP2   1 
ATOM   449 O "O5'" . DC  B 1 11 ? -1.573 6.190   -18.212 1.00 30.65 ? 23 DC  B "O5'" 1 
ATOM   450 C "C5'" . DC  B 1 11 ? -0.543 6.801   -17.435 1.00 28.66 ? 23 DC  B "C5'" 1 
ATOM   451 C "C4'" . DC  B 1 11 ? 0.765  6.678   -18.116 1.00 27.49 ? 23 DC  B "C4'" 1 
ATOM   452 O "O4'" . DC  B 1 11 ? 1.408  5.532   -17.543 1.00 25.10 ? 23 DC  B "O4'" 1 
ATOM   453 C "C3'" . DC  B 1 11 ? 0.551  6.465   -19.635 1.00 28.25 ? 23 DC  B "C3'" 1 
ATOM   454 O "O3'" . DC  B 1 11 ? 1.554  7.024   -20.530 1.00 31.36 ? 23 DC  B "O3'" 1 
ATOM   455 C "C2'" . DC  B 1 11 ? 0.594  4.944   -19.622 1.00 26.07 ? 23 DC  B "C2'" 1 
ATOM   456 C "C1'" . DC  B 1 11 ? 1.562  4.524   -18.527 1.00 23.15 ? 23 DC  B "C1'" 1 
ATOM   457 N N1    . DC  B 1 11 ? 1.242  3.115   -18.108 1.00 19.42 ? 23 DC  B N1    1 
ATOM   458 C C2    . DC  B 1 11 ? 2.274  2.312   -17.818 1.00 17.93 ? 23 DC  B C2    1 
ATOM   459 O O2    . DC  B 1 11 ? 3.403  2.741   -17.871 1.00 20.12 ? 23 DC  B O2    1 
ATOM   460 N N3    . DC  B 1 11 ? 2.070  1.023   -17.480 1.00 17.42 ? 23 DC  B N3    1 
ATOM   461 C C4    . DC  B 1 11 ? 0.843  0.531   -17.429 1.00 16.12 ? 23 DC  B C4    1 
ATOM   462 N N4    . DC  B 1 11 ? 0.639  -0.731  -17.104 1.00 16.94 ? 23 DC  B N4    1 
ATOM   463 C C5    . DC  B 1 11 ? -0.265 1.341   -17.721 1.00 16.45 ? 23 DC  B C5    1 
ATOM   464 C C6    . DC  B 1 11 ? -0.018 2.618   -18.053 1.00 18.54 ? 23 DC  B C6    1 
ATOM   465 P P     . DG  B 1 12 ? 1.277  7.037   -22.169 1.00 33.98 ? 24 DG  B P     1 
ATOM   466 O OP1   . DG  B 1 12 ? 1.516  8.415   -22.651 1.00 33.93 ? 24 DG  B OP1   1 
ATOM   467 O OP2   . DG  B 1 12 ? 0.032  6.281   -22.564 1.00 33.36 ? 24 DG  B OP2   1 
ATOM   468 O "O5'" . DG  B 1 12 ? 2.494  6.162   -22.644 1.00 32.20 ? 24 DG  B "O5'" 1 
ATOM   469 C "C5'" . DG  B 1 12 ? 3.727  6.703   -22.182 1.00 30.52 ? 24 DG  B "C5'" 1 
ATOM   470 C "C4'" . DG  B 1 12 ? 4.905  5.869   -22.462 1.00 28.96 ? 24 DG  B "C4'" 1 
ATOM   471 O "O4'" . DG  B 1 12 ? 4.985  4.757   -21.512 1.00 28.08 ? 24 DG  B "O4'" 1 
ATOM   472 C "C3'" . DG  B 1 12 ? 4.737  5.205   -23.821 1.00 28.10 ? 24 DG  B "C3'" 1 
ATOM   473 O "O3'" . DG  B 1 12 ? 5.902  5.332   -24.582 1.00 29.32 ? 24 DG  B "O3'" 1 
ATOM   474 C "C2'" . DG  B 1 12 ? 4.331  3.825   -23.537 1.00 26.87 ? 24 DG  B "C2'" 1 
ATOM   475 C "C1'" . DG  B 1 12 ? 4.865  3.435   -22.162 1.00 24.94 ? 24 DG  B "C1'" 1 
ATOM   476 N N9    . DG  B 1 12 ? 3.778  2.503   -21.750 1.00 20.97 ? 24 DG  B N9    1 
ATOM   477 C C8    . DG  B 1 12 ? 2.440  2.778   -21.812 1.00 19.95 ? 24 DG  B C8    1 
ATOM   478 N N7    . DG  B 1 12 ? 1.689  1.801   -21.458 1.00 18.96 ? 24 DG  B N7    1 
ATOM   479 C C5    . DG  B 1 12 ? 2.548  0.779   -21.123 1.00 16.95 ? 24 DG  B C5    1 
ATOM   480 C C6    . DG  B 1 12 ? 2.245  -0.503  -20.662 1.00 15.91 ? 24 DG  B C6    1 
ATOM   481 O O6    . DG  B 1 12 ? 1.148  -0.995  -20.442 1.00 16.48 ? 24 DG  B O6    1 
ATOM   482 N N1    . DG  B 1 12 ? 3.364  -1.239  -20.424 1.00 15.72 ? 24 DG  B N1    1 
ATOM   483 C C2    . DG  B 1 12 ? 4.639  -0.788  -20.611 1.00 16.09 ? 24 DG  B C2    1 
ATOM   484 N N2    . DG  B 1 12 ? 5.601  -1.644  -20.338 1.00 16.75 ? 24 DG  B N2    1 
ATOM   485 N N3    . DG  B 1 12 ? 4.950  0.430   -21.046 1.00 16.13 ? 24 DG  B N3    1 
ATOM   486 C C4    . DG  B 1 12 ? 3.846  1.178   -21.290 1.00 18.17 ? 24 DG  B C4    1 
HETATM 487 C C1    . PET C 2 .  ? 0.688  -1.635  1.544   1.00 49.24 ? 25 PET B C1    1 
HETATM 488 C C2    . PET C 2 .  ? 1.924  -0.972  1.781   1.00 49.77 ? 25 PET B C2    1 
HETATM 489 C C3    . PET C 2 .  ? 2.919  -1.570  2.606   1.00 49.70 ? 25 PET B C3    1 
HETATM 490 C C4    . PET C 2 .  ? 2.701  -2.825  3.217   1.00 49.61 ? 25 PET B C4    1 
HETATM 491 C C5    . PET C 2 .  ? 1.481  -3.476  2.972   1.00 49.99 ? 25 PET B C5    1 
HETATM 492 C C6    . PET C 2 .  ? 0.487  -2.886  2.146   1.00 50.13 ? 25 PET B C6    1 
HETATM 493 C C7    . PET C 2 .  ? 3.619  -3.372  4.120   1.00 49.48 ? 25 PET B C7    1 
HETATM 494 C CA    . PET C 2 .  ? 0.000  0.000   0.000   1.00 47.87 ? 25 PET B CA    1 
HETATM 495 C CB    . PET C 2 .  ? -1.058 0.299   -1.033  1.00 47.46 ? 25 PET B CB    1 
HETATM 496 C "C1'" . PET C 2 .  ? -1.048 4.246   -5.576  1.00 50.56 ? 25 PET B "C1'" 1 
HETATM 497 C "C2'" . PET C 2 .  ? 0.274  4.269   -6.050  1.00 50.80 ? 25 PET B "C2'" 1 
HETATM 498 C "C3'" . PET C 2 .  ? 0.611  5.033   -7.195  1.00 51.03 ? 25 PET B "C3'" 1 
HETATM 499 C "C4'" . PET C 2 .  ? -0.363 5.789   -7.856  1.00 51.99 ? 25 PET B "C4'" 1 
HETATM 500 C "C5'" . PET C 2 .  ? -1.691 5.774   -7.382  1.00 51.43 ? 25 PET B "C5'" 1 
HETATM 501 C "C6'" . PET C 2 .  ? -2.023 5.004   -6.247  1.00 50.82 ? 25 PET B "C6'" 1 
HETATM 502 C "C7'" . PET C 2 .  ? -0.042 6.583   -8.949  1.00 52.59 ? 25 PET B "C7'" 1 
HETATM 503 C "CA'" . PET C 2 .  ? -0.578 2.826   -3.724  1.00 47.88 ? 25 PET B "CA'" 1 
HETATM 504 C "CB'" . PET C 2 .  ? -1.405 2.005   -2.733  1.00 47.23 ? 25 PET B "CB'" 1 
HETATM 505 N N1    . PET C 2 .  ? 3.427  -4.596  4.581   1.00 48.86 ? 25 PET B N1    1 
HETATM 506 N N2    . PET C 2 .  ? 4.606  -2.636  4.612   1.00 49.41 ? 25 PET B N2    1 
HETATM 507 N "N1'" . PET C 2 .  ? -0.954 6.925   -9.859  1.00 53.59 ? 25 PET B "N1'" 1 
HETATM 508 N "N2'" . PET C 2 .  ? 1.211  7.044   -9.110  1.00 52.98 ? 25 PET B "N2'" 1 
HETATM 509 O O1    . PET C 2 .  ? -0.349 -1.136  0.774   1.00 47.55 ? 25 PET B O1    1 
HETATM 510 O "O1'" . PET C 2 .  ? -1.513 3.538   -4.497  1.00 49.89 ? 25 PET B "O1'" 1 
HETATM 511 O O2    . PET C 2 .  ? -0.539 1.369   -1.803  1.00 47.62 ? 25 PET B O2    1 
HETATM 512 O O     . HOH D 3 .  ? 8.783  6.679   -4.113  1.00 61.38 ? 26 HOH A O     1 
HETATM 513 O O     . HOH D 3 .  ? 11.215 -5.160  16.063  1.00 49.44 ? 27 HOH A O     1 
HETATM 514 O O     . HOH D 3 .  ? 6.777  -2.014  8.561   1.00 29.72 ? 30 HOH A O     1 
HETATM 515 O O     . HOH D 3 .  ? 3.171  11.679  -1.839  1.00 40.33 ? 40 HOH A O     1 
HETATM 516 O O     . HOH D 3 .  ? -0.799 11.386  -1.127  1.00 62.51 ? 43 HOH A O     1 
HETATM 517 O O     . HOH D 3 .  ? 12.276 2.426   -8.628  1.00 59.32 ? 44 HOH A O     1 
HETATM 518 O O     . HOH D 3 .  ? -6.521 3.122   2.879   1.00 39.79 ? 46 HOH A O     1 
HETATM 519 O O     . HOH D 3 .  ? 4.986  12.820  1.994   1.00 51.83 ? 47 HOH A O     1 
HETATM 520 O O     . HOH D 3 .  ? 6.522  7.838   2.120   1.00 53.34 ? 49 HOH A O     1 
HETATM 521 O O     . HOH D 3 .  ? -6.323 -1.709  7.336   1.00 77.53 ? 50 HOH A O     1 
HETATM 522 O O     . HOH D 3 .  ? -8.042 1.416   -0.188  1.00 46.40 ? 51 HOH A O     1 
HETATM 523 O O     . HOH D 3 .  ? 8.119  10.362  -3.581  1.00 57.21 ? 52 HOH A O     1 
HETATM 524 O O     . HOH D 3 .  ? 2.453  6.732   6.651   1.00 26.20 ? 56 HOH A O     1 
HETATM 525 O O     . HOH D 3 .  ? 5.363  -4.437  -10.733 1.00 45.62 ? 57 HOH A O     1 
HETATM 526 O O     . HOH D 3 .  ? 5.072  10.851  -3.804  1.00 48.22 ? 59 HOH A O     1 
HETATM 527 O O     . HOH D 3 .  ? 13.394 -7.803  -14.856 1.00 33.47 ? 61 HOH A O     1 
HETATM 528 O O     . HOH D 3 .  ? -0.561 -0.660  12.580  1.00 40.71 ? 62 HOH A O     1 
HETATM 529 O O     . HOH D 3 .  ? -1.722 11.969  -7.601  1.00 52.37 ? 68 HOH A O     1 
HETATM 530 O O     . HOH D 3 .  ? 15.839 3.634   -16.320 1.00 66.20 ? 74 HOH A O     1 
HETATM 531 O O     . HOH D 3 .  ? 14.011 6.087   -10.442 1.00 33.94 ? 78 HOH A O     1 
HETATM 532 O O     . HOH D 3 .  ? 16.940 -2.681  15.394  1.00 53.74 ? 79 HOH A O     1 
HETATM 533 O O     . HOH D 3 .  ? 0.117  2.930   10.092  1.00 66.66 ? 83 HOH A O     1 
HETATM 534 O O     . HOH D 3 .  ? 1.077  -3.686  -15.058 1.00 35.24 ? 85 HOH A O     1 
HETATM 535 O O     . HOH D 3 .  ? 17.322 2.008   -13.437 1.00 48.74 ? 86 HOH A O     1 
HETATM 536 O O     . HOH D 3 .  ? -3.286 -3.397  7.623   1.00 35.81 ? 87 HOH A O     1 
HETATM 537 O O     . HOH D 3 .  ? 5.542  -3.753  15.878  1.00 39.63 ? 88 HOH A O     1 
HETATM 538 O O     . HOH D 3 .  ? 4.542  -6.929  9.211   1.00 51.82 ? 90 HOH A O     1 
HETATM 539 O O     . HOH D 3 .  ? 0.951  -5.849  -13.446 1.00 23.40 ? 91 HOH A O     1 
HETATM 540 O O     . HOH D 3 .  ? 3.207  -5.491  -14.446 1.00 29.51 ? 92 HOH A O     1 
HETATM 541 O O     . HOH D 3 .  ? -1.184 -3.604  -16.643 1.00 32.51 ? 93 HOH A O     1 
HETATM 542 O O     . HOH D 3 .  ? 14.712 -3.012  19.166  1.00 55.52 ? 97 HOH A O     1 
HETATM 543 O O     . HOH D 3 .  ? 9.827  3.648   -7.168  1.00 44.29 ? 98 HOH A O     1 
HETATM 544 O O     . HOH E 3 .  ? 3.157  -11.369 1.414   1.00 44.95 ? 28 HOH B O     1 
HETATM 545 O O     . HOH E 3 .  ? 17.758 13.759  13.818  1.00 19.42 ? 29 HOH B O     1 
HETATM 546 O O     . HOH E 3 .  ? 13.770 -9.568  4.324   1.00 53.59 ? 31 HOH B O     1 
HETATM 547 O O     . HOH E 3 .  ? 13.675 -7.490  2.458   1.00 49.17 ? 32 HOH B O     1 
HETATM 548 O O     . HOH E 3 .  ? 1.105  9.445   15.366  1.00 56.11 ? 33 HOH B O     1 
HETATM 549 O O     . HOH E 3 .  ? 5.824  -6.051  -3.571  1.00 39.59 ? 34 HOH B O     1 
HETATM 550 O O     . HOH E 3 .  ? 12.144 7.971   2.389   1.00 42.22 ? 35 HOH B O     1 
HETATM 551 O O     . HOH E 3 .  ? -8.267 1.227   -6.849  1.00 59.24 ? 36 HOH B O     1 
HETATM 552 O O     . HOH E 3 .  ? -8.273 1.935   -9.664  1.00 36.43 ? 37 HOH B O     1 
HETATM 553 O O     . HOH E 3 .  ? -4.705 8.326   -11.252 1.00 42.52 ? 38 HOH B O     1 
HETATM 554 O O     . HOH E 3 .  ? -0.111 -4.584  -9.033  1.00 61.39 ? 39 HOH B O     1 
HETATM 555 O O     . HOH E 3 .  ? 8.899  14.622  9.329   1.00 66.83 ? 41 HOH B O     1 
HETATM 556 O O     . HOH E 3 .  ? -4.235 -3.304  -0.721  1.00 57.85 ? 42 HOH B O     1 
HETATM 557 O O     . HOH E 3 .  ? -0.442 -5.506  3.907   1.00 42.14 ? 45 HOH B O     1 
HETATM 558 O O     . HOH E 3 .  ? 2.460  -6.604  -5.166  1.00 57.18 ? 48 HOH B O     1 
HETATM 559 O O     . HOH E 3 .  ? 2.648  -4.202  -9.682  1.00 25.93 ? 53 HOH B O     1 
HETATM 560 O O     . HOH E 3 .  ? -0.774 3.234   -21.657 1.00 43.79 ? 54 HOH B O     1 
HETATM 561 O O     . HOH E 3 .  ? -5.921 -6.834  -4.585  1.00 52.51 ? 55 HOH B O     1 
HETATM 562 O O     . HOH E 3 .  ? 7.779  -6.198  -6.563  1.00 55.04 ? 58 HOH B O     1 
HETATM 563 O O     . HOH E 3 .  ? 8.486  -8.883  0.823   1.00 39.27 ? 60 HOH B O     1 
HETATM 564 O O     . HOH E 3 .  ? 3.650  7.024   11.409  1.00 36.51 ? 63 HOH B O     1 
HETATM 565 O O     . HOH E 3 .  ? 14.440 6.203   1.513   1.00 61.73 ? 64 HOH B O     1 
HETATM 566 O O     . HOH E 3 .  ? 3.582  14.896  15.032  1.00 46.58 ? 65 HOH B O     1 
HETATM 567 O O     . HOH E 3 .  ? 15.398 13.491  11.409  1.00 41.64 ? 66 HOH B O     1 
HETATM 568 O O     . HOH E 3 .  ? -4.651 1.393   -17.449 1.00 66.06 ? 67 HOH B O     1 
HETATM 569 O O     . HOH E 3 .  ? 1.944  9.331   -10.646 1.00 58.21 ? 69 HOH B O     1 
HETATM 570 O O     . HOH E 3 .  ? -5.317 -0.993  -2.969  1.00 48.27 ? 70 HOH B O     1 
HETATM 571 O O     . HOH E 3 .  ? 9.377  6.749   1.338   1.00 54.15 ? 71 HOH B O     1 
HETATM 572 O O     . HOH E 3 .  ? 6.232  7.981   5.512   1.00 44.28 ? 72 HOH B O     1 
HETATM 573 O O     . HOH E 3 .  ? 10.816 16.525  6.645   1.00 36.63 ? 73 HOH B O     1 
HETATM 574 O O     . HOH E 3 .  ? 9.887  2.310   -2.274  1.00 61.15 ? 75 HOH B O     1 
HETATM 575 O O     . HOH E 3 .  ? 6.479  -8.224  2.427   1.00 39.11 ? 76 HOH B O     1 
HETATM 576 O O     . HOH E 3 .  ? 1.846  -3.771  -12.024 1.00 72.48 ? 77 HOH B O     1 
HETATM 577 O O     . HOH E 3 .  ? 3.269  -11.293 -1.835  1.00 51.88 ? 80 HOH B O     1 
HETATM 578 O O     . HOH E 3 .  ? 0.584  5.223   -11.740 1.00 56.87 ? 81 HOH B O     1 
HETATM 579 O O     . HOH E 3 .  ? -3.860 6.318   -9.721  1.00 41.27 ? 82 HOH B O     1 
HETATM 580 O O     . HOH E 3 .  ? 9.516  0.249   -4.943  1.00 47.94 ? 84 HOH B O     1 
HETATM 581 O O     . HOH E 3 .  ? 1.992  11.910  14.500  1.00 30.47 ? 89 HOH B O     1 
HETATM 582 O O     . HOH E 3 .  ? 11.599 -8.853  -0.068  1.00 34.31 ? 94 HOH B O     1 
HETATM 583 O O     . HOH E 3 .  ? -4.585 -5.591  -6.975  1.00 47.85 ? 95 HOH B O     1 
HETATM 584 O O     . HOH E 3 .  ? 9.016  7.683   4.501   1.00 53.47 ? 96 HOH B O     1 
# 
